data_4NFT
#
_entry.id   4NFT
#
_cell.length_a   76.412
_cell.length_b   104.297
_cell.length_c   124.743
_cell.angle_alpha   90.00
_cell.angle_beta   99.15
_cell.angle_gamma   90.00
#
_symmetry.space_group_name_H-M   'C 1 2 1'
#
loop_
_entity.id
_entity.type
_entity.pdbx_description
1 polymer 'Histone H2B type 2-E, Histone H2A.Z'
2 polymer 'Acidic leucine-rich nuclear phosphoprotein 32 family member E'
3 water water
#
loop_
_entity_poly.entity_id
_entity_poly.type
_entity_poly.pdbx_seq_one_letter_code
_entity_poly.pdbx_strand_id
1 'polypeptide(L)'
;GSHMRKESYSIYVYKVLKQVHPDTGISSKAMGIMNSFVNDIFERIAGEASRLAHYNKRSTITSREIQTAVRLLLPGELAK
HAVSEGTKAVTKYTSSKKAVSRSQRAGLQFPVGRIHRHLKSRTTSHGRVGATAAVYSAAILEYLTAEVLELAGNASKDLK
VKRITPRHLQLAIRGDEELDSLIKATIAGGGVIPHISGSGGSGGGLVPR
;
A,B,C,D
2 'polypeptide(L)' GSHMEEEEEEEEEEDEDEDEDEDEAGSELGEGEEEVGLSYLMKEEIQDEEDD E,F
#
# COMPACT_ATOMS: atom_id res chain seq x y z
N MET A 4 10.32 -8.15 -18.22
CA MET A 4 10.59 -8.64 -16.88
C MET A 4 11.92 -9.39 -16.84
N ARG A 5 12.63 -9.28 -15.71
CA ARG A 5 13.87 -10.03 -15.48
C ARG A 5 13.60 -11.42 -14.91
N LYS A 6 14.18 -12.45 -15.52
CA LYS A 6 14.00 -13.84 -15.08
C LYS A 6 14.78 -14.17 -13.81
N GLU A 7 14.16 -14.91 -12.92
CA GLU A 7 14.80 -15.30 -11.68
C GLU A 7 15.08 -16.79 -11.73
N SER A 8 15.94 -17.31 -10.86
CA SER A 8 16.20 -18.75 -10.91
C SER A 8 15.24 -19.45 -9.98
N TYR A 9 14.55 -20.45 -10.52
CA TYR A 9 13.68 -21.30 -9.73
C TYR A 9 14.13 -22.76 -9.85
N SER A 10 15.29 -22.95 -10.47
CA SER A 10 15.85 -24.26 -10.74
C SER A 10 15.93 -25.18 -9.55
N ILE A 11 16.50 -24.71 -8.44
CA ILE A 11 16.60 -25.52 -7.24
C ILE A 11 15.22 -26.03 -6.79
N TYR A 12 14.21 -25.19 -6.98
CA TYR A 12 12.88 -25.54 -6.53
C TYR A 12 12.13 -26.46 -7.49
N VAL A 13 12.45 -26.36 -8.78
CA VAL A 13 11.98 -27.32 -9.77
C VAL A 13 12.49 -28.73 -9.45
N TYR A 14 13.76 -28.83 -9.05
CA TYR A 14 14.35 -30.10 -8.61
C TYR A 14 13.59 -30.69 -7.45
N LYS A 15 13.30 -29.85 -6.44
CA LYS A 15 12.62 -30.31 -5.25
C LYS A 15 11.25 -30.88 -5.59
N VAL A 16 10.59 -30.28 -6.58
CA VAL A 16 9.28 -30.74 -7.05
C VAL A 16 9.43 -32.05 -7.79
N LEU A 17 10.41 -32.11 -8.69
CA LEU A 17 10.72 -33.35 -9.42
C LEU A 17 10.99 -34.51 -8.46
N LYS A 18 11.59 -34.22 -7.30
CA LYS A 18 11.83 -35.26 -6.28
C LYS A 18 10.55 -35.80 -5.68
N GLN A 19 9.48 -35.01 -5.71
CA GLN A 19 8.20 -35.47 -5.19
C GLN A 19 7.46 -36.35 -6.19
N VAL A 20 7.52 -36.00 -7.48
CA VAL A 20 6.74 -36.72 -8.49
C VAL A 20 7.46 -37.88 -9.18
N HIS A 21 8.77 -37.77 -9.36
CA HIS A 21 9.56 -38.81 -9.98
C HIS A 21 10.95 -38.90 -9.37
N PRO A 22 11.03 -39.40 -8.12
CA PRO A 22 12.27 -39.47 -7.33
C PRO A 22 13.47 -40.04 -8.08
N ASP A 23 13.25 -41.04 -8.93
CA ASP A 23 14.36 -41.74 -9.60
C ASP A 23 14.86 -41.03 -10.86
N THR A 24 14.27 -39.90 -11.19
CA THR A 24 14.48 -39.26 -12.47
C THR A 24 15.28 -37.96 -12.36
N GLY A 25 16.16 -37.72 -13.32
CA GLY A 25 16.93 -36.50 -13.37
C GLY A 25 16.45 -35.61 -14.50
N ILE A 26 17.07 -34.45 -14.66
CA ILE A 26 16.67 -33.52 -15.69
C ILE A 26 17.89 -32.82 -16.25
N SER A 27 18.03 -32.88 -17.56
CA SER A 27 19.20 -32.32 -18.21
C SER A 27 19.21 -30.83 -17.98
N SER A 28 20.39 -30.24 -18.09
CA SER A 28 20.57 -28.80 -17.90
C SER A 28 19.69 -27.98 -18.86
N LYS A 29 19.48 -28.50 -20.07
CA LYS A 29 18.74 -27.76 -21.08
C LYS A 29 17.23 -27.80 -20.81
N ALA A 30 16.75 -28.93 -20.30
CA ALA A 30 15.36 -29.05 -19.97
C ALA A 30 15.04 -28.11 -18.79
N MET A 31 15.97 -28.00 -17.85
CA MET A 31 15.78 -27.19 -16.66
C MET A 31 15.63 -25.71 -17.02
N GLY A 32 16.41 -25.26 -17.99
CA GLY A 32 16.32 -23.89 -18.46
C GLY A 32 14.95 -23.63 -19.08
N ILE A 33 14.46 -24.62 -19.80
CA ILE A 33 13.15 -24.52 -20.41
C ILE A 33 12.07 -24.42 -19.32
N MET A 34 12.19 -25.25 -18.30
CA MET A 34 11.31 -25.21 -17.13
C MET A 34 11.39 -23.85 -16.39
N ASN A 35 12.59 -23.31 -16.28
CA ASN A 35 12.79 -22.06 -15.58
C ASN A 35 12.15 -20.89 -16.35
N SER A 36 12.16 -21.00 -17.68
CA SER A 36 11.57 -19.97 -18.53
C SER A 36 10.06 -20.03 -18.36
N PHE A 37 9.55 -21.26 -18.32
CA PHE A 37 8.12 -21.52 -18.18
C PHE A 37 7.57 -20.92 -16.87
N VAL A 38 8.26 -21.19 -15.76
CA VAL A 38 7.83 -20.70 -14.47
C VAL A 38 7.77 -19.18 -14.47
N ASN A 39 8.80 -18.55 -15.06
CA ASN A 39 8.91 -17.10 -15.09
C ASN A 39 7.86 -16.46 -16.00
N ASP A 40 7.63 -17.09 -17.15
CA ASP A 40 6.74 -16.53 -18.15
C ASP A 40 5.30 -16.58 -17.69
N ILE A 41 4.91 -17.68 -17.08
CA ILE A 41 3.55 -17.80 -16.59
C ILE A 41 3.33 -16.84 -15.41
N PHE A 42 4.32 -16.78 -14.53
CA PHE A 42 4.25 -15.88 -13.40
C PHE A 42 4.20 -14.40 -13.81
N GLU A 43 4.95 -14.02 -14.84
CA GLU A 43 4.88 -12.67 -15.36
C GLU A 43 3.44 -12.33 -15.78
N ARG A 44 2.74 -13.30 -16.39
CA ARG A 44 1.39 -13.03 -16.84
C ARG A 44 0.38 -13.01 -15.71
N ILE A 45 0.51 -13.92 -14.75
CA ILE A 45 -0.38 -13.94 -13.60
C ILE A 45 -0.20 -12.68 -12.75
N ALA A 46 1.05 -12.32 -12.51
CA ALA A 46 1.36 -11.17 -11.69
C ALA A 46 0.92 -9.91 -12.40
N GLY A 47 1.17 -9.86 -13.70
CA GLY A 47 0.76 -8.73 -14.52
C GLY A 47 -0.73 -8.47 -14.41
N GLU A 48 -1.53 -9.50 -14.62
CA GLU A 48 -2.96 -9.36 -14.50
C GLU A 48 -3.40 -9.11 -13.06
N ALA A 49 -2.76 -9.77 -12.10
CA ALA A 49 -3.11 -9.60 -10.69
C ALA A 49 -2.88 -8.16 -10.24
N SER A 50 -1.82 -7.55 -10.76
CA SER A 50 -1.48 -6.18 -10.38
C SER A 50 -2.51 -5.15 -10.87
N ARG A 51 -2.99 -5.30 -12.11
CA ARG A 51 -3.96 -4.33 -12.59
C ARG A 51 -5.38 -4.52 -11.97
N LEU A 52 -5.72 -5.73 -11.56
CA LEU A 52 -6.98 -5.97 -10.87
C LEU A 52 -6.99 -5.37 -9.47
N ALA A 53 -5.81 -5.21 -8.90
CA ALA A 53 -5.66 -4.74 -7.53
C ALA A 53 -6.10 -3.29 -7.36
N HIS A 54 -5.94 -2.49 -8.40
CA HIS A 54 -6.30 -1.07 -8.33
CA HIS A 54 -6.29 -1.08 -8.29
C HIS A 54 -7.80 -0.90 -8.14
N TYR A 55 -8.56 -1.95 -8.46
CA TYR A 55 -10.01 -1.97 -8.28
C TYR A 55 -10.45 -2.19 -6.84
N ASN A 56 -9.53 -2.56 -5.95
CA ASN A 56 -9.88 -2.64 -4.54
C ASN A 56 -9.39 -1.43 -3.77
N LYS A 57 -10.00 -1.21 -2.60
CA LYS A 57 -9.79 0.02 -1.85
C LYS A 57 -8.34 0.22 -1.38
N ARG A 58 -7.70 -0.84 -0.88
CA ARG A 58 -6.35 -0.75 -0.38
C ARG A 58 -5.30 -0.91 -1.49
N SER A 59 -5.78 -1.05 -2.72
CA SER A 59 -4.93 -1.21 -3.92
C SER A 59 -3.84 -2.29 -3.79
N THR A 60 -4.15 -3.33 -3.02
CA THR A 60 -3.20 -4.39 -2.69
C THR A 60 -3.53 -5.69 -3.41
N ILE A 61 -2.53 -6.33 -4.00
CA ILE A 61 -2.72 -7.66 -4.58
C ILE A 61 -2.99 -8.66 -3.46
N THR A 62 -4.16 -9.28 -3.50
CA THR A 62 -4.52 -10.34 -2.54
C THR A 62 -4.71 -11.63 -3.30
N SER A 63 -4.91 -12.73 -2.58
CA SER A 63 -5.19 -14.00 -3.24
C SER A 63 -6.43 -13.90 -4.17
N ARG A 64 -7.41 -13.08 -3.80
CA ARG A 64 -8.63 -12.91 -4.60
C ARG A 64 -8.32 -12.47 -6.04
N GLU A 65 -7.33 -11.59 -6.18
CA GLU A 65 -6.87 -11.15 -7.49
C GLU A 65 -6.03 -12.21 -8.23
N ILE A 66 -5.20 -12.96 -7.49
CA ILE A 66 -4.42 -14.01 -8.10
C ILE A 66 -5.38 -15.05 -8.67
N GLN A 67 -6.41 -15.37 -7.89
CA GLN A 67 -7.37 -16.40 -8.29
C GLN A 67 -8.10 -15.97 -9.55
N THR A 68 -8.39 -14.69 -9.65
CA THR A 68 -9.06 -14.18 -10.83
C THR A 68 -8.12 -14.19 -12.03
N ALA A 69 -6.87 -13.77 -11.83
CA ALA A 69 -5.88 -13.84 -12.89
C ALA A 69 -5.71 -15.27 -13.43
N VAL A 70 -5.50 -16.21 -12.50
CA VAL A 70 -5.36 -17.63 -12.83
C VAL A 70 -6.53 -18.17 -13.66
N ARG A 71 -7.75 -17.85 -13.26
CA ARG A 71 -8.93 -18.30 -14.00
C ARG A 71 -9.04 -17.65 -15.36
N LEU A 72 -8.50 -16.44 -15.51
CA LEU A 72 -8.48 -15.78 -16.82
C LEU A 72 -7.44 -16.34 -17.77
N LEU A 73 -6.30 -16.75 -17.21
CA LEU A 73 -5.17 -17.15 -18.01
C LEU A 73 -5.14 -18.65 -18.27
N LEU A 74 -5.61 -19.44 -17.32
CA LEU A 74 -5.51 -20.88 -17.47
C LEU A 74 -6.77 -21.52 -18.04
N PRO A 75 -6.54 -22.54 -18.86
CA PRO A 75 -7.54 -23.42 -19.39
C PRO A 75 -8.26 -24.12 -18.33
N GLY A 76 -9.57 -24.19 -18.42
CA GLY A 76 -10.46 -24.74 -17.44
C GLY A 76 -10.02 -25.66 -16.35
N GLU A 77 -9.60 -26.86 -16.70
CA GLU A 77 -9.23 -27.88 -15.74
C GLU A 77 -7.94 -27.59 -15.01
N LEU A 78 -6.98 -27.04 -15.71
CA LEU A 78 -5.76 -26.62 -15.09
C LEU A 78 -6.07 -25.55 -14.11
N ALA A 79 -7.02 -24.72 -14.46
CA ALA A 79 -7.44 -23.63 -13.59
C ALA A 79 -8.06 -24.13 -12.30
N LYS A 80 -9.07 -24.99 -12.42
CA LYS A 80 -9.76 -25.51 -11.24
C LYS A 80 -8.81 -26.20 -10.27
N HIS A 81 -7.84 -26.95 -10.77
CA HIS A 81 -6.92 -27.68 -9.90
C HIS A 81 -5.88 -26.76 -9.26
N ALA A 82 -5.40 -25.77 -10.02
CA ALA A 82 -4.48 -24.77 -9.47
C ALA A 82 -5.13 -23.96 -8.35
N VAL A 83 -6.32 -23.42 -8.64
CA VAL A 83 -7.10 -22.65 -7.66
C VAL A 83 -7.35 -23.42 -6.37
N SER A 84 -7.66 -24.69 -6.52
CA SER A 84 -7.84 -25.58 -5.38
C SER A 84 -6.57 -25.72 -4.56
N GLU A 85 -5.42 -25.84 -5.21
CA GLU A 85 -4.15 -25.94 -4.48
C GLU A 85 -3.74 -24.59 -3.82
N GLY A 86 -4.14 -23.49 -4.44
CA GLY A 86 -3.89 -22.18 -3.88
C GLY A 86 -4.62 -22.05 -2.57
N THR A 87 -5.90 -22.41 -2.56
CA THR A 87 -6.70 -22.36 -1.35
C THR A 87 -6.23 -23.36 -0.31
N LYS A 88 -5.85 -24.56 -0.77
CA LYS A 88 -5.39 -25.60 0.14
C LYS A 88 -4.10 -25.17 0.85
N ALA A 89 -3.33 -24.32 0.20
CA ALA A 89 -2.06 -23.84 0.76
C ALA A 89 -2.25 -22.69 1.75
N VAL A 90 -3.08 -21.72 1.38
CA VAL A 90 -3.37 -20.59 2.26
C VAL A 90 -3.95 -21.09 3.58
N THR A 91 -4.84 -22.08 3.48
CA THR A 91 -5.43 -22.69 4.65
C THR A 91 -4.40 -23.34 5.56
N LYS A 92 -3.55 -24.18 4.98
CA LYS A 92 -2.48 -24.85 5.74
C LYS A 92 -1.58 -23.82 6.41
N TYR A 93 -1.36 -22.70 5.71
CA TYR A 93 -0.58 -21.58 6.20
C TYR A 93 -1.21 -20.89 7.43
N THR A 94 -2.47 -20.50 7.30
CA THR A 94 -3.17 -19.81 8.37
C THR A 94 -3.24 -20.66 9.64
N SER A 95 -3.67 -21.91 9.48
CA SER A 95 -3.84 -22.85 10.57
C SER A 95 -2.52 -23.37 11.16
N SER A 96 -1.39 -22.81 10.81
CA SER A 96 -0.19 -23.43 11.36
C SER A 96 0.58 -22.58 12.35
N LYS A 97 1.48 -23.18 13.09
CA LYS A 97 2.30 -22.43 13.99
C LYS A 97 3.76 -22.86 13.99
N LYS A 98 4.60 -22.18 13.22
CA LYS A 98 6.05 -22.42 13.28
C LYS A 98 6.86 -21.42 12.50
N SER A 101 9.21 -21.32 8.90
CA SER A 101 9.43 -21.03 7.48
C SER A 101 8.14 -20.99 6.66
N ARG A 102 7.98 -19.93 5.88
CA ARG A 102 6.72 -19.67 5.18
C ARG A 102 6.37 -20.80 4.21
N SER A 103 7.35 -21.28 3.46
CA SER A 103 7.14 -22.44 2.58
C SER A 103 6.68 -23.66 3.37
N GLN A 104 7.43 -24.03 4.40
CA GLN A 104 7.09 -25.20 5.21
C GLN A 104 5.72 -25.06 5.88
N ARG A 105 5.40 -23.84 6.31
CA ARG A 105 4.09 -23.60 6.88
C ARG A 105 2.96 -23.93 5.89
N ALA A 106 3.19 -23.66 4.61
CA ALA A 106 2.14 -23.81 3.60
C ALA A 106 2.20 -25.18 2.91
N GLY A 107 3.19 -25.98 3.29
CA GLY A 107 3.36 -27.31 2.72
C GLY A 107 4.00 -27.34 1.35
N LEU A 108 4.74 -26.28 1.01
CA LEU A 108 5.20 -26.08 -0.36
C LEU A 108 6.70 -26.30 -0.59
N GLN A 109 7.05 -26.74 -1.79
CA GLN A 109 8.44 -26.76 -2.20
C GLN A 109 8.92 -25.38 -2.64
N PHE A 110 8.10 -24.69 -3.44
CA PHE A 110 8.44 -23.35 -3.95
C PHE A 110 8.64 -22.30 -2.84
N PRO A 111 9.58 -21.35 -3.05
CA PRO A 111 9.98 -20.38 -2.03
C PRO A 111 9.02 -19.19 -1.86
N VAL A 112 8.29 -19.15 -0.75
CA VAL A 112 7.33 -18.07 -0.51
C VAL A 112 7.95 -16.67 -0.39
N GLY A 113 9.03 -16.53 0.36
CA GLY A 113 9.75 -15.27 0.43
C GLY A 113 10.18 -14.71 -0.91
N ARG A 114 10.79 -15.54 -1.75
CA ARG A 114 11.26 -15.08 -3.06
C ARG A 114 10.09 -14.64 -3.94
N ILE A 115 8.99 -15.37 -3.84
CA ILE A 115 7.83 -15.08 -4.67
C ILE A 115 7.15 -13.80 -4.20
N HIS A 116 7.19 -13.56 -2.90
CA HIS A 116 6.63 -12.34 -2.34
C HIS A 116 7.34 -11.12 -2.91
N ARG A 117 8.67 -11.17 -2.92
CA ARG A 117 9.47 -10.08 -3.45
C ARG A 117 9.33 -9.95 -4.95
N HIS A 118 9.19 -11.07 -5.63
CA HIS A 118 8.96 -11.03 -7.08
C HIS A 118 7.63 -10.32 -7.34
N LEU A 119 6.61 -10.65 -6.55
CA LEU A 119 5.32 -9.99 -6.64
C LEU A 119 5.41 -8.49 -6.42
N LYS A 120 6.09 -8.06 -5.35
CA LYS A 120 6.17 -6.63 -5.05
C LYS A 120 6.88 -5.88 -6.16
N SER A 121 7.78 -6.56 -6.86
CA SER A 121 8.50 -5.89 -7.94
C SER A 121 7.66 -5.73 -9.23
N ARG A 122 6.50 -6.37 -9.30
CA ARG A 122 5.58 -6.21 -10.44
C ARG A 122 4.47 -5.23 -10.08
N THR A 123 4.46 -4.86 -8.81
CA THR A 123 3.47 -3.96 -8.24
C THR A 123 3.77 -2.55 -8.72
N THR A 124 2.73 -1.75 -8.88
CA THR A 124 2.92 -0.35 -9.25
C THR A 124 3.35 0.51 -8.06
N SER A 125 3.68 1.76 -8.31
CA SER A 125 4.01 2.71 -7.23
C SER A 125 2.93 2.69 -6.13
N HIS A 126 1.68 2.82 -6.52
CA HIS A 126 0.65 2.42 -5.62
C HIS A 126 1.01 0.95 -5.54
N GLY A 127 0.56 0.22 -4.54
CA GLY A 127 0.78 -1.19 -4.59
C GLY A 127 1.40 -1.91 -3.43
N ARG A 128 0.57 -2.66 -2.76
CA ARG A 128 1.05 -3.52 -1.73
C ARG A 128 0.82 -4.99 -2.08
N VAL A 129 1.50 -5.91 -1.45
CA VAL A 129 1.18 -7.31 -1.67
C VAL A 129 0.66 -7.92 -0.40
N GLY A 130 -0.51 -8.54 -0.48
CA GLY A 130 -1.18 -9.13 0.66
C GLY A 130 -0.37 -10.21 1.36
N ALA A 131 -0.69 -10.42 2.63
CA ALA A 131 0.09 -11.30 3.48
C ALA A 131 0.05 -12.78 3.05
N THR A 132 -0.92 -13.17 2.21
CA THR A 132 -1.03 -14.56 1.75
C THR A 132 -1.06 -14.72 0.23
N ALA A 133 -0.96 -13.62 -0.50
CA ALA A 133 -1.01 -13.71 -1.96
C ALA A 133 0.20 -14.49 -2.50
N ALA A 134 1.30 -14.46 -1.75
CA ALA A 134 2.52 -15.12 -2.20
C ALA A 134 2.45 -16.62 -1.91
N VAL A 135 1.82 -16.97 -0.80
CA VAL A 135 1.58 -18.35 -0.47
C VAL A 135 0.71 -18.96 -1.57
N TYR A 136 -0.29 -18.19 -1.98
CA TYR A 136 -1.22 -18.61 -3.01
C TYR A 136 -0.50 -18.76 -4.36
N SER A 137 0.32 -17.77 -4.71
CA SER A 137 1.03 -17.82 -5.98
C SER A 137 2.03 -18.98 -6.02
N ALA A 138 2.76 -19.17 -4.93
CA ALA A 138 3.73 -20.26 -4.85
C ALA A 138 3.03 -21.59 -5.06
N ALA A 139 1.82 -21.72 -4.49
CA ALA A 139 1.04 -22.94 -4.64
C ALA A 139 0.65 -23.22 -6.10
N ILE A 140 0.16 -22.18 -6.79
CA ILE A 140 -0.14 -22.26 -8.22
C ILE A 140 1.10 -22.67 -9.00
N LEU A 141 2.19 -21.91 -8.84
CA LEU A 141 3.41 -22.15 -9.60
C LEU A 141 3.91 -23.57 -9.40
N GLU A 142 3.84 -24.05 -8.15
CA GLU A 142 4.32 -25.38 -7.81
C GLU A 142 3.42 -26.40 -8.50
N TYR A 143 2.12 -26.12 -8.53
CA TYR A 143 1.18 -27.02 -9.19
C TYR A 143 1.47 -27.20 -10.68
N LEU A 144 1.62 -26.09 -11.40
CA LEU A 144 1.87 -26.16 -12.82
C LEU A 144 3.21 -26.85 -13.10
N THR A 145 4.21 -26.59 -12.27
CA THR A 145 5.54 -27.16 -12.48
C THR A 145 5.48 -28.67 -12.31
N ALA A 146 4.71 -29.08 -11.31
CA ALA A 146 4.49 -30.49 -11.07
C ALA A 146 3.71 -31.18 -12.21
N GLU A 147 2.77 -30.47 -12.84
CA GLU A 147 2.01 -31.05 -13.93
C GLU A 147 2.91 -31.35 -15.10
N VAL A 148 3.79 -30.42 -15.45
CA VAL A 148 4.70 -30.63 -16.56
C VAL A 148 5.69 -31.75 -16.28
N LEU A 149 6.25 -31.75 -15.07
CA LEU A 149 7.30 -32.71 -14.74
C LEU A 149 6.72 -34.12 -14.64
N GLU A 150 5.47 -34.21 -14.17
CA GLU A 150 4.78 -35.50 -14.07
C GLU A 150 4.63 -36.15 -15.43
N LEU A 151 4.05 -35.43 -16.37
CA LEU A 151 3.89 -35.93 -17.74
C LEU A 151 5.22 -36.22 -18.44
N ALA A 152 6.19 -35.32 -18.29
CA ALA A 152 7.48 -35.44 -18.96
C ALA A 152 8.30 -36.60 -18.39
N GLY A 153 8.25 -36.74 -17.07
CA GLY A 153 8.86 -37.89 -16.42
C GLY A 153 8.26 -39.19 -16.91
N ASN A 154 6.93 -39.23 -17.05
CA ASN A 154 6.24 -40.41 -17.58
C ASN A 154 6.67 -40.73 -19.00
N ALA A 155 6.77 -39.71 -19.84
CA ALA A 155 7.29 -39.93 -21.18
C ALA A 155 8.69 -40.56 -21.11
N SER A 156 9.52 -40.05 -20.21
CA SER A 156 10.87 -40.55 -20.05
C SER A 156 10.88 -42.01 -19.61
N LYS A 157 10.02 -42.35 -18.66
CA LYS A 157 9.87 -43.74 -18.23
C LYS A 157 9.48 -44.62 -19.42
N ASP A 158 8.51 -44.15 -20.22
CA ASP A 158 8.03 -44.92 -21.37
C ASP A 158 9.12 -45.17 -22.39
N LEU A 159 10.18 -44.41 -22.31
CA LEU A 159 11.24 -44.40 -23.29
C LEU A 159 12.47 -45.04 -22.70
N LYS A 160 12.28 -45.61 -21.55
CA LYS A 160 13.27 -46.39 -20.84
C LYS A 160 14.53 -45.65 -20.38
N VAL A 161 14.49 -44.34 -20.49
CA VAL A 161 15.53 -43.49 -20.02
C VAL A 161 15.20 -43.04 -18.62
N LYS A 162 16.17 -42.49 -17.89
CA LYS A 162 15.92 -42.06 -16.52
C LYS A 162 16.24 -40.58 -16.32
N ARG A 163 16.17 -39.82 -17.39
CA ARG A 163 16.44 -38.39 -17.32
C ARG A 163 15.59 -37.63 -18.34
N ILE A 164 15.01 -36.51 -17.89
CA ILE A 164 14.19 -35.63 -18.73
C ILE A 164 15.02 -34.67 -19.58
N THR A 165 14.79 -34.68 -20.89
CA THR A 165 15.47 -33.76 -21.82
C THR A 165 14.43 -32.85 -22.50
N PRO A 166 14.88 -31.85 -23.26
CA PRO A 166 13.93 -31.03 -24.03
C PRO A 166 12.92 -31.82 -24.88
N ARG A 167 13.33 -32.99 -25.37
CA ARG A 167 12.47 -33.89 -26.11
C ARG A 167 11.27 -34.31 -25.28
N HIS A 168 11.50 -34.76 -24.06
CA HIS A 168 10.41 -35.20 -23.20
C HIS A 168 9.48 -34.07 -22.79
N LEU A 169 10.00 -32.84 -22.67
CA LEU A 169 9.12 -31.72 -22.38
C LEU A 169 8.18 -31.48 -23.57
N GLN A 170 8.71 -31.53 -24.80
CA GLN A 170 7.89 -31.36 -25.99
C GLN A 170 6.83 -32.45 -26.10
N LEU A 171 7.19 -33.67 -25.77
CA LEU A 171 6.23 -34.77 -25.78
C LEU A 171 5.10 -34.51 -24.81
N ALA A 172 5.44 -34.09 -23.60
CA ALA A 172 4.44 -33.84 -22.56
C ALA A 172 3.49 -32.70 -22.92
N ILE A 173 4.07 -31.57 -23.34
CA ILE A 173 3.31 -30.36 -23.58
C ILE A 173 2.47 -30.45 -24.85
N ARG A 174 3.09 -30.83 -25.96
CA ARG A 174 2.38 -30.90 -27.22
C ARG A 174 1.43 -32.10 -27.30
N GLY A 175 1.55 -33.02 -26.35
CA GLY A 175 0.67 -34.18 -26.32
C GLY A 175 -0.49 -34.04 -25.35
N ASP A 176 -0.61 -32.89 -24.69
CA ASP A 176 -1.70 -32.60 -23.76
C ASP A 176 -2.44 -31.34 -24.15
N GLU A 177 -3.71 -31.44 -24.37
CA GLU A 177 -4.51 -30.36 -24.81
C GLU A 177 -4.38 -29.06 -24.05
N GLU A 178 -4.51 -29.12 -22.75
CA GLU A 178 -4.52 -27.89 -21.95
C GLU A 178 -3.12 -27.26 -21.76
N LEU A 179 -2.09 -28.08 -21.64
CA LEU A 179 -0.72 -27.57 -21.53
C LEU A 179 -0.27 -26.89 -22.81
N ASP A 180 -0.66 -27.48 -23.93
CA ASP A 180 -0.29 -26.96 -25.23
C ASP A 180 -0.84 -25.55 -25.41
N SER A 181 -2.09 -25.34 -25.01
CA SER A 181 -2.70 -24.02 -25.20
C SER A 181 -2.14 -23.03 -24.18
N LEU A 182 -1.85 -23.52 -22.97
CA LEU A 182 -1.18 -22.69 -21.97
C LEU A 182 0.09 -22.12 -22.58
N ILE A 183 0.94 -23.00 -23.09
CA ILE A 183 2.22 -22.56 -23.61
C ILE A 183 2.06 -21.61 -24.79
N LYS A 184 1.12 -21.92 -25.69
CA LYS A 184 0.93 -21.07 -26.87
C LYS A 184 0.49 -19.63 -26.54
N ALA A 185 -0.47 -19.50 -25.63
CA ALA A 185 -0.95 -18.18 -25.19
C ALA A 185 0.20 -17.37 -24.61
N THR A 186 1.08 -18.05 -23.89
CA THR A 186 2.16 -17.38 -23.17
C THR A 186 3.24 -16.86 -24.13
N ILE A 187 3.48 -17.54 -25.22
CA ILE A 187 4.37 -17.02 -26.23
C ILE A 187 3.86 -15.78 -26.94
N ALA A 188 2.56 -15.64 -27.10
CA ALA A 188 1.99 -14.38 -27.55
C ALA A 188 1.81 -13.34 -26.43
N GLY A 189 2.87 -12.62 -26.08
CA GLY A 189 2.77 -11.69 -24.99
C GLY A 189 3.55 -10.41 -25.23
N MET B 4 -15.86 8.59 -23.99
CA MET B 4 -17.07 7.95 -24.48
C MET B 4 -18.18 8.99 -24.68
N ARG B 5 -18.97 8.79 -25.74
CA ARG B 5 -20.15 9.61 -26.02
C ARG B 5 -21.39 9.12 -25.25
N LYS B 6 -22.09 10.03 -24.58
CA LYS B 6 -23.26 9.66 -23.78
C LYS B 6 -24.51 9.43 -24.63
N GLU B 7 -25.29 8.43 -24.26
CA GLU B 7 -26.51 8.12 -24.98
C GLU B 7 -27.69 8.45 -24.10
N SER B 8 -28.88 8.56 -24.67
CA SER B 8 -30.03 8.86 -23.82
C SER B 8 -30.65 7.56 -23.36
N TYR B 9 -30.83 7.46 -22.04
CA TYR B 9 -31.54 6.34 -21.46
C TYR B 9 -32.74 6.84 -20.67
N SER B 10 -33.03 8.13 -20.84
CA SER B 10 -34.09 8.82 -20.10
C SER B 10 -35.45 8.14 -20.17
N ILE B 11 -35.90 7.80 -21.36
CA ILE B 11 -37.20 7.13 -21.52
C ILE B 11 -37.25 5.84 -20.69
N TYR B 12 -36.11 5.15 -20.62
CA TYR B 12 -36.07 3.89 -19.92
C TYR B 12 -35.92 4.05 -18.40
N VAL B 13 -35.30 5.14 -17.97
CA VAL B 13 -35.30 5.49 -16.55
C VAL B 13 -36.73 5.74 -16.04
N TYR B 14 -37.53 6.41 -16.88
CA TYR B 14 -38.94 6.64 -16.57
C TYR B 14 -39.70 5.34 -16.40
N LYS B 15 -39.47 4.41 -17.31
CA LYS B 15 -40.18 3.14 -17.27
C LYS B 15 -39.86 2.39 -15.98
N VAL B 16 -38.61 2.52 -15.52
CA VAL B 16 -38.18 1.88 -14.27
C VAL B 16 -38.83 2.58 -13.09
N LEU B 17 -38.80 3.91 -13.10
CA LEU B 17 -39.47 4.70 -12.07
C LEU B 17 -40.95 4.34 -11.93
N LYS B 18 -41.58 3.94 -13.04
CA LYS B 18 -43.00 3.54 -13.02
C LYS B 18 -43.24 2.22 -12.29
N GLN B 19 -42.21 1.37 -12.23
CA GLN B 19 -42.34 0.09 -11.53
C GLN B 19 -42.14 0.29 -10.04
N VAL B 20 -41.25 1.21 -9.72
CA VAL B 20 -40.76 1.43 -8.37
C VAL B 20 -41.60 2.42 -7.57
N HIS B 21 -41.91 3.56 -8.17
CA HIS B 21 -42.76 4.56 -7.54
C HIS B 21 -43.72 5.19 -8.55
N PRO B 22 -44.80 4.46 -8.90
CA PRO B 22 -45.78 4.85 -9.92
C PRO B 22 -46.30 6.30 -9.77
N ASP B 23 -46.52 6.75 -8.55
CA ASP B 23 -47.11 8.07 -8.31
C ASP B 23 -46.12 9.22 -8.36
N THR B 24 -44.86 8.93 -8.66
CA THR B 24 -43.79 9.90 -8.50
C THR B 24 -43.20 10.34 -9.84
N GLY B 25 -42.89 11.63 -9.96
CA GLY B 25 -42.27 12.15 -11.15
C GLY B 25 -40.81 12.48 -10.89
N ILE B 26 -40.11 12.97 -11.90
CA ILE B 26 -38.71 13.29 -11.76
C ILE B 26 -38.38 14.52 -12.56
N SER B 27 -37.77 15.51 -11.92
CA SER B 27 -37.50 16.77 -12.57
C SER B 27 -36.51 16.53 -13.67
N SER B 28 -36.47 17.47 -14.62
CA SER B 28 -35.57 17.38 -15.77
C SER B 28 -34.09 17.34 -15.35
N LYS B 29 -33.77 18.03 -14.25
CA LYS B 29 -32.38 18.09 -13.81
C LYS B 29 -31.94 16.78 -13.16
N ALA B 30 -32.84 16.16 -12.42
CA ALA B 30 -32.56 14.90 -11.78
C ALA B 30 -32.38 13.80 -12.85
N MET B 31 -33.17 13.89 -13.93
CA MET B 31 -33.11 12.89 -14.99
C MET B 31 -31.76 12.93 -15.70
N GLY B 32 -31.24 14.13 -15.88
CA GLY B 32 -29.93 14.30 -16.51
C GLY B 32 -28.85 13.67 -15.65
N ILE B 33 -29.00 13.80 -14.34
CA ILE B 33 -28.06 13.23 -13.41
C ILE B 33 -28.11 11.71 -13.47
N MET B 34 -29.32 11.16 -13.48
CA MET B 34 -29.55 9.74 -13.68
C MET B 34 -28.98 9.22 -15.02
N ASN B 35 -29.13 10.01 -16.07
CA ASN B 35 -28.62 9.62 -17.38
C ASN B 35 -27.09 9.59 -17.41
N SER B 36 -26.46 10.50 -16.66
CA SER B 36 -25.01 10.54 -16.54
C SER B 36 -24.55 9.30 -15.80
N PHE B 37 -25.29 8.97 -14.75
CA PHE B 37 -25.01 7.81 -13.91
C PHE B 37 -25.03 6.50 -14.72
N VAL B 38 -26.11 6.29 -15.47
CA VAL B 38 -26.23 5.09 -16.29
C VAL B 38 -25.06 4.95 -17.25
N ASN B 39 -24.72 6.05 -17.91
CA ASN B 39 -23.63 6.08 -18.90
C ASN B 39 -22.25 5.86 -18.28
N ASP B 40 -22.03 6.46 -17.12
CA ASP B 40 -20.72 6.44 -16.51
C ASP B 40 -20.40 5.06 -15.94
N ILE B 41 -21.40 4.45 -15.33
CA ILE B 41 -21.19 3.12 -14.78
C ILE B 41 -21.00 2.12 -15.94
N PHE B 42 -21.81 2.27 -16.98
CA PHE B 42 -21.71 1.41 -18.13
C PHE B 42 -20.36 1.55 -18.85
N GLU B 43 -19.85 2.77 -18.95
CA GLU B 43 -18.53 2.98 -19.55
C GLU B 43 -17.47 2.16 -18.79
N ARG B 44 -17.59 2.09 -17.46
CA ARG B 44 -16.60 1.38 -16.67
C ARG B 44 -16.76 -0.13 -16.77
N ILE B 45 -18.00 -0.60 -16.73
CA ILE B 45 -18.27 -2.04 -16.86
C ILE B 45 -17.87 -2.53 -18.25
N ALA B 46 -18.23 -1.76 -19.28
CA ALA B 46 -17.94 -2.15 -20.64
C ALA B 46 -16.43 -2.10 -20.87
N GLY B 47 -15.80 -1.05 -20.36
CA GLY B 47 -14.37 -0.89 -20.50
C GLY B 47 -13.62 -2.09 -19.94
N GLU B 48 -13.93 -2.45 -18.70
CA GLU B 48 -13.31 -3.61 -18.08
C GLU B 48 -13.71 -4.92 -18.78
N ALA B 49 -14.97 -5.05 -19.18
CA ALA B 49 -15.42 -6.27 -19.85
C ALA B 49 -14.70 -6.49 -21.16
N SER B 50 -14.39 -5.40 -21.86
CA SER B 50 -13.68 -5.51 -23.13
C SER B 50 -12.23 -5.96 -22.97
N ARG B 51 -11.53 -5.42 -22.00
CA ARG B 51 -10.21 -5.85 -21.62
C ARG B 51 -10.11 -7.36 -21.22
N LEU B 52 -11.09 -7.90 -20.54
CA LEU B 52 -11.09 -9.29 -20.12
C LEU B 52 -11.39 -10.23 -21.26
N ALA B 53 -12.05 -9.72 -22.29
CA ALA B 53 -12.47 -10.55 -23.42
C ALA B 53 -11.29 -11.07 -24.23
N HIS B 54 -10.19 -10.32 -24.25
CA HIS B 54 -9.03 -10.74 -25.04
CA HIS B 54 -9.06 -10.76 -25.06
C HIS B 54 -8.39 -11.99 -24.46
N TYR B 55 -8.77 -12.33 -23.22
CA TYR B 55 -8.29 -13.53 -22.56
C TYR B 55 -9.01 -14.81 -22.99
N ASN B 56 -10.20 -14.67 -23.57
CA ASN B 56 -10.86 -15.87 -24.10
C ASN B 56 -10.54 -16.07 -25.58
N LYS B 57 -10.72 -17.31 -26.04
CA LYS B 57 -10.27 -17.72 -27.36
C LYS B 57 -10.93 -16.95 -28.51
N ARG B 58 -12.25 -16.78 -28.43
CA ARG B 58 -13.00 -16.09 -29.47
C ARG B 58 -12.94 -14.56 -29.33
N SER B 59 -12.23 -14.08 -28.31
CA SER B 59 -12.06 -12.65 -28.04
C SER B 59 -13.38 -11.87 -27.95
N THR B 60 -14.43 -12.54 -27.49
CA THR B 60 -15.77 -11.99 -27.46
C THR B 60 -16.23 -11.68 -26.05
N ILE B 61 -16.79 -10.49 -25.84
CA ILE B 61 -17.40 -10.16 -24.57
C ILE B 61 -18.61 -11.04 -24.35
N THR B 62 -18.59 -11.85 -23.29
CA THR B 62 -19.75 -12.68 -22.94
C THR B 62 -20.22 -12.25 -21.57
N SER B 63 -21.34 -12.80 -21.12
CA SER B 63 -21.82 -12.46 -19.78
C SER B 63 -20.77 -12.79 -18.70
N ARG B 64 -19.95 -13.82 -18.94
CA ARG B 64 -18.89 -14.20 -18.00
C ARG B 64 -17.94 -13.04 -17.69
N GLU B 65 -17.58 -12.27 -18.72
CA GLU B 65 -16.75 -11.08 -18.54
C GLU B 65 -17.50 -9.91 -17.90
N ILE B 66 -18.79 -9.76 -18.23
CA ILE B 66 -19.57 -8.69 -17.62
C ILE B 66 -19.68 -8.95 -16.12
N GLN B 67 -19.87 -10.22 -15.77
CA GLN B 67 -20.05 -10.60 -14.39
C GLN B 67 -18.79 -10.34 -13.59
N THR B 68 -17.62 -10.58 -14.18
CA THR B 68 -16.43 -10.30 -13.40
C THR B 68 -16.14 -8.80 -13.38
N ALA B 69 -16.44 -8.08 -14.45
CA ALA B 69 -16.34 -6.62 -14.40
C ALA B 69 -17.20 -6.03 -13.26
N VAL B 70 -18.47 -6.44 -13.23
CA VAL B 70 -19.39 -6.01 -12.19
C VAL B 70 -18.88 -6.31 -10.78
N ARG B 71 -18.37 -7.52 -10.56
CA ARG B 71 -17.83 -7.87 -9.25
C ARG B 71 -16.59 -7.07 -8.91
N LEU B 72 -15.81 -6.67 -9.92
CA LEU B 72 -14.65 -5.82 -9.68
C LEU B 72 -15.01 -4.38 -9.35
N LEU B 73 -16.07 -3.87 -9.98
CA LEU B 73 -16.40 -2.47 -9.88
C LEU B 73 -17.41 -2.17 -8.78
N LEU B 74 -18.25 -3.12 -8.46
CA LEU B 74 -19.26 -2.84 -7.51
C LEU B 74 -18.96 -3.36 -6.13
N PRO B 75 -19.42 -2.60 -5.15
CA PRO B 75 -19.34 -2.94 -3.75
C PRO B 75 -20.16 -4.13 -3.46
N GLY B 76 -19.65 -5.00 -2.63
CA GLY B 76 -20.18 -6.31 -2.33
C GLY B 76 -21.62 -6.64 -2.52
N GLU B 77 -22.51 -6.02 -1.77
CA GLU B 77 -23.93 -6.31 -1.79
C GLU B 77 -24.59 -5.84 -3.03
N LEU B 78 -24.19 -4.68 -3.53
CA LEU B 78 -24.70 -4.22 -4.77
C LEU B 78 -24.33 -5.19 -5.85
N ALA B 79 -23.14 -5.74 -5.71
CA ALA B 79 -22.62 -6.69 -6.69
C ALA B 79 -23.43 -7.97 -6.73
N LYS B 80 -23.60 -8.59 -5.57
CA LYS B 80 -24.34 -9.85 -5.49
C LYS B 80 -25.75 -9.73 -6.04
N HIS B 81 -26.42 -8.60 -5.78
CA HIS B 81 -27.80 -8.45 -6.25
C HIS B 81 -27.89 -8.17 -7.74
N ALA B 82 -26.94 -7.40 -8.26
CA ALA B 82 -26.86 -7.15 -9.71
C ALA B 82 -26.59 -8.44 -10.48
N VAL B 83 -25.55 -9.16 -10.08
CA VAL B 83 -25.17 -10.44 -10.68
C VAL B 83 -26.35 -11.43 -10.73
N SER B 84 -27.07 -11.49 -9.62
CA SER B 84 -28.27 -12.30 -9.53
C SER B 84 -29.32 -11.90 -10.58
N GLU B 85 -29.53 -10.59 -10.74
CA GLU B 85 -30.49 -10.12 -11.74
C GLU B 85 -30.02 -10.35 -13.20
N GLY B 86 -28.70 -10.29 -13.40
CA GLY B 86 -28.12 -10.57 -14.70
C GLY B 86 -28.43 -12.00 -15.09
N THR B 87 -28.17 -12.94 -14.18
CA THR B 87 -28.43 -14.33 -14.42
C THR B 87 -29.93 -14.61 -14.56
N LYS B 88 -30.74 -13.95 -13.73
CA LYS B 88 -32.17 -14.14 -13.76
C LYS B 88 -32.76 -13.69 -15.10
N ALA B 89 -32.12 -12.70 -15.72
CA ALA B 89 -32.58 -12.18 -17.01
C ALA B 89 -32.15 -13.04 -18.19
N VAL B 90 -30.89 -13.46 -18.20
CA VAL B 90 -30.40 -14.35 -19.25
C VAL B 90 -31.22 -15.64 -19.29
N THR B 91 -31.53 -16.16 -18.10
CA THR B 91 -32.34 -17.36 -18.00
C THR B 91 -33.72 -17.16 -18.62
N LYS B 92 -34.39 -16.08 -18.21
CA LYS B 92 -35.72 -15.76 -18.72
C LYS B 92 -35.69 -15.58 -20.24
N TYR B 93 -34.58 -15.03 -20.73
CA TYR B 93 -34.34 -14.83 -22.15
C TYR B 93 -34.23 -16.15 -22.93
N THR B 94 -33.37 -17.05 -22.45
CA THR B 94 -33.14 -18.33 -23.11
C THR B 94 -34.41 -19.17 -23.19
N SER B 95 -35.09 -19.30 -22.05
CA SER B 95 -36.30 -20.11 -21.93
C SER B 95 -37.53 -19.48 -22.61
N SER B 96 -37.39 -18.42 -23.36
CA SER B 96 -38.63 -17.87 -23.86
C SER B 96 -38.79 -18.03 -25.34
N LYS B 97 -39.98 -17.81 -25.85
CA LYS B 97 -40.19 -17.81 -27.26
C LYS B 97 -41.15 -16.74 -27.69
N LYS B 98 -40.66 -15.59 -28.09
CA LYS B 98 -41.54 -14.59 -28.71
C LYS B 98 -41.13 -13.14 -28.65
N SER B 101 -39.52 -9.36 -28.93
CA SER B 101 -38.66 -8.27 -28.49
C SER B 101 -37.70 -8.68 -27.40
N ARG B 102 -36.43 -8.38 -27.61
CA ARG B 102 -35.37 -8.87 -26.74
C ARG B 102 -35.54 -8.42 -25.29
N SER B 103 -35.89 -7.14 -25.09
CA SER B 103 -36.22 -6.64 -23.76
C SER B 103 -37.35 -7.43 -23.09
N GLN B 104 -38.48 -7.53 -23.79
CA GLN B 104 -39.64 -8.25 -23.26
C GLN B 104 -39.34 -9.72 -22.99
N ARG B 105 -38.54 -10.33 -23.86
CA ARG B 105 -38.11 -11.69 -23.64
C ARG B 105 -37.37 -11.84 -22.31
N ALA B 106 -36.55 -10.86 -21.97
CA ALA B 106 -35.70 -10.94 -20.76
C ALA B 106 -36.42 -10.38 -19.53
N GLY B 107 -37.61 -9.84 -19.75
CA GLY B 107 -38.39 -9.25 -18.68
C GLY B 107 -37.90 -7.89 -18.22
N LEU B 108 -37.27 -7.12 -19.11
CA LEU B 108 -36.59 -5.89 -18.73
C LEU B 108 -37.24 -4.62 -19.26
N GLN B 109 -37.06 -3.52 -18.54
CA GLN B 109 -37.43 -2.22 -19.06
C GLN B 109 -36.36 -1.64 -19.98
N PHE B 110 -35.09 -1.77 -19.59
CA PHE B 110 -33.98 -1.25 -20.39
C PHE B 110 -33.89 -1.89 -21.79
N PRO B 111 -33.42 -1.12 -22.80
CA PRO B 111 -33.41 -1.59 -24.19
C PRO B 111 -32.23 -2.50 -24.56
N VAL B 112 -32.49 -3.77 -24.81
CA VAL B 112 -31.42 -4.71 -25.13
C VAL B 112 -30.67 -4.41 -26.43
N GLY B 113 -31.41 -4.10 -27.49
CA GLY B 113 -30.80 -3.70 -28.76
C GLY B 113 -29.83 -2.53 -28.64
N ARG B 114 -30.27 -1.47 -27.97
CA ARG B 114 -29.43 -0.28 -27.85
C ARG B 114 -28.16 -0.58 -27.06
N ILE B 115 -28.30 -1.43 -26.04
CA ILE B 115 -27.18 -1.76 -25.17
C ILE B 115 -26.18 -2.67 -25.91
N HIS B 116 -26.72 -3.52 -26.76
CA HIS B 116 -25.88 -4.38 -27.59
C HIS B 116 -24.95 -3.54 -28.48
N ARG B 117 -25.53 -2.54 -29.14
CA ARG B 117 -24.78 -1.68 -30.02
C ARG B 117 -23.83 -0.80 -29.23
N HIS B 118 -24.24 -0.39 -28.04
CA HIS B 118 -23.38 0.39 -27.19
C HIS B 118 -22.16 -0.44 -26.81
N LEU B 119 -22.38 -1.70 -26.45
CA LEU B 119 -21.31 -2.63 -26.15
C LEU B 119 -20.35 -2.83 -27.30
N LYS B 120 -20.89 -3.06 -28.50
CA LYS B 120 -20.05 -3.29 -29.68
C LYS B 120 -19.19 -2.07 -29.97
N SER B 121 -19.68 -0.87 -29.62
CA SER B 121 -18.90 0.32 -29.86
C SER B 121 -17.74 0.53 -28.85
N ARG B 122 -17.70 -0.23 -27.76
CA ARG B 122 -16.59 -0.15 -26.80
C ARG B 122 -15.60 -1.28 -27.07
N THR B 123 -16.02 -2.19 -27.94
CA THR B 123 -15.25 -3.36 -28.35
C THR B 123 -14.05 -2.88 -29.16
N THR B 124 -12.92 -3.57 -29.02
CA THR B 124 -11.77 -3.31 -29.88
C THR B 124 -12.08 -3.79 -31.30
N SER B 125 -11.30 -3.38 -32.29
CA SER B 125 -11.54 -3.82 -33.67
C SER B 125 -11.40 -5.34 -33.81
N HIS B 126 -10.85 -6.00 -32.79
CA HIS B 126 -10.84 -7.46 -32.72
C HIS B 126 -12.21 -8.01 -32.25
N GLY B 127 -12.85 -7.29 -31.34
CA GLY B 127 -13.95 -7.83 -30.57
C GLY B 127 -15.32 -8.11 -31.20
N ARG B 128 -15.97 -9.14 -30.64
CA ARG B 128 -17.37 -9.46 -30.90
C ARG B 128 -18.17 -9.40 -29.58
N VAL B 129 -19.48 -9.17 -29.64
CA VAL B 129 -20.26 -9.19 -28.40
C VAL B 129 -21.19 -10.38 -28.36
N GLY B 130 -21.09 -11.15 -27.28
CA GLY B 130 -21.88 -12.35 -27.10
C GLY B 130 -23.38 -12.15 -27.21
N ALA B 131 -24.07 -13.23 -27.57
CA ALA B 131 -25.49 -13.15 -27.86
C ALA B 131 -26.37 -12.84 -26.65
N THR B 132 -25.84 -12.98 -25.44
CA THR B 132 -26.59 -12.66 -24.22
C THR B 132 -25.89 -11.67 -23.30
N ALA B 133 -24.73 -11.17 -23.70
CA ALA B 133 -24.01 -10.23 -22.85
C ALA B 133 -24.79 -8.93 -22.69
N ALA B 134 -25.63 -8.61 -23.68
CA ALA B 134 -26.39 -7.37 -23.66
C ALA B 134 -27.63 -7.51 -22.78
N VAL B 135 -28.24 -8.68 -22.82
CA VAL B 135 -29.32 -9.00 -21.91
C VAL B 135 -28.82 -8.87 -20.47
N TYR B 136 -27.61 -9.37 -20.25
CA TYR B 136 -27.01 -9.36 -18.94
C TYR B 136 -26.67 -7.93 -18.50
N SER B 137 -26.12 -7.14 -19.41
CA SER B 137 -25.78 -5.76 -19.07
C SER B 137 -27.03 -4.92 -18.79
N ALA B 138 -28.06 -5.11 -19.62
CA ALA B 138 -29.31 -4.37 -19.46
C ALA B 138 -29.89 -4.67 -18.08
N ALA B 139 -29.77 -5.93 -17.65
CA ALA B 139 -30.29 -6.34 -16.35
C ALA B 139 -29.58 -5.64 -15.20
N ILE B 140 -28.24 -5.62 -15.26
CA ILE B 140 -27.41 -4.87 -14.30
C ILE B 140 -27.82 -3.40 -14.27
N LEU B 141 -27.78 -2.75 -15.44
CA LEU B 141 -28.07 -1.32 -15.54
C LEU B 141 -29.44 -1.00 -14.97
N GLU B 142 -30.42 -1.85 -15.28
CA GLU B 142 -31.78 -1.64 -14.81
C GLU B 142 -31.81 -1.77 -13.29
N TYR B 143 -31.05 -2.74 -12.77
CA TYR B 143 -30.98 -2.95 -11.33
C TYR B 143 -30.44 -1.73 -10.58
N LEU B 144 -29.28 -1.23 -11.01
CA LEU B 144 -28.70 -0.08 -10.35
C LEU B 144 -29.61 1.14 -10.45
N THR B 145 -30.26 1.31 -11.60
CA THR B 145 -31.12 2.48 -11.81
C THR B 145 -32.31 2.41 -10.87
N ALA B 146 -32.84 1.21 -10.70
CA ALA B 146 -33.93 0.99 -9.76
C ALA B 146 -33.51 1.22 -8.31
N GLU B 147 -32.28 0.92 -7.93
CA GLU B 147 -31.88 1.14 -6.58
C GLU B 147 -31.78 2.56 -6.24
N VAL B 148 -31.27 3.35 -7.15
CA VAL B 148 -31.21 4.78 -6.89
C VAL B 148 -32.60 5.41 -6.82
N LEU B 149 -33.47 5.03 -7.76
CA LEU B 149 -34.80 5.63 -7.84
C LEU B 149 -35.66 5.21 -6.65
N GLU B 150 -35.47 3.98 -6.18
CA GLU B 150 -36.20 3.48 -5.02
C GLU B 150 -35.90 4.33 -3.78
N LEU B 151 -34.62 4.48 -3.46
CA LEU B 151 -34.20 5.30 -2.34
C LEU B 151 -34.60 6.78 -2.47
N ALA B 152 -34.36 7.35 -3.65
CA ALA B 152 -34.64 8.76 -3.90
C ALA B 152 -36.14 9.04 -3.86
N GLY B 153 -36.91 8.13 -4.44
CA GLY B 153 -38.37 8.21 -4.35
C GLY B 153 -38.85 8.18 -2.91
N ASN B 154 -38.27 7.30 -2.09
CA ASN B 154 -38.58 7.22 -0.65
C ASN B 154 -38.27 8.51 0.07
N ALA B 155 -37.11 9.08 -0.22
CA ALA B 155 -36.76 10.37 0.36
C ALA B 155 -37.83 11.42 -0.01
N SER B 156 -38.26 11.40 -1.27
CA SER B 156 -39.27 12.34 -1.72
C SER B 156 -40.59 12.15 -1.01
N LYS B 157 -40.99 10.90 -0.79
CA LYS B 157 -42.19 10.61 -0.02
C LYS B 157 -42.06 11.15 1.41
N ASP B 158 -40.89 10.96 2.01
CA ASP B 158 -40.64 11.41 3.37
C ASP B 158 -40.74 12.94 3.49
N LEU B 159 -40.66 13.63 2.38
CA LEU B 159 -40.63 15.07 2.34
C LEU B 159 -41.93 15.62 1.79
N LYS B 160 -42.86 14.72 1.66
CA LYS B 160 -44.22 14.99 1.23
C LYS B 160 -44.38 15.60 -0.18
N VAL B 161 -43.29 15.67 -0.91
CA VAL B 161 -43.26 16.05 -2.31
C VAL B 161 -43.55 14.78 -3.12
N LYS B 162 -44.05 14.94 -4.35
CA LYS B 162 -44.36 13.79 -5.20
C LYS B 162 -43.51 13.81 -6.47
N ARG B 163 -42.32 14.39 -6.36
CA ARG B 163 -41.42 14.43 -7.50
C ARG B 163 -39.96 14.53 -7.06
N ILE B 164 -39.11 13.72 -7.71
CA ILE B 164 -37.67 13.62 -7.42
C ILE B 164 -36.84 14.74 -8.05
N THR B 165 -36.07 15.44 -7.22
CA THR B 165 -35.17 16.50 -7.69
C THR B 165 -33.71 16.12 -7.38
N PRO B 166 -32.74 16.89 -7.91
CA PRO B 166 -31.34 16.66 -7.57
C PRO B 166 -31.06 16.49 -6.05
N ARG B 167 -31.81 17.18 -5.20
CA ARG B 167 -31.66 17.04 -3.76
C ARG B 167 -32.00 15.63 -3.29
N HIS B 168 -33.10 15.07 -3.79
CA HIS B 168 -33.46 13.72 -3.41
C HIS B 168 -32.46 12.67 -3.89
N LEU B 169 -31.82 12.90 -5.05
CA LEU B 169 -30.76 12.00 -5.47
C LEU B 169 -29.57 12.07 -4.50
N GLN B 170 -29.16 13.28 -4.12
CA GLN B 170 -28.09 13.47 -3.15
C GLN B 170 -28.41 12.83 -1.82
N LEU B 171 -29.66 12.95 -1.38
CA LEU B 171 -30.08 12.33 -0.14
C LEU B 171 -29.91 10.82 -0.19
N ALA B 172 -30.38 10.23 -1.28
CA ALA B 172 -30.34 8.78 -1.44
C ALA B 172 -28.91 8.24 -1.53
N ILE B 173 -28.08 8.89 -2.35
CA ILE B 173 -26.74 8.40 -2.62
C ILE B 173 -25.79 8.64 -1.44
N ARG B 174 -25.73 9.87 -0.98
CA ARG B 174 -24.82 10.22 0.11
C ARG B 174 -25.26 9.61 1.44
N GLY B 175 -26.50 9.13 1.51
CA GLY B 175 -27.02 8.54 2.73
C GLY B 175 -27.01 7.03 2.72
N ASP B 176 -26.36 6.44 1.70
CA ASP B 176 -26.22 4.98 1.61
C ASP B 176 -24.76 4.59 1.35
N GLU B 177 -24.25 3.79 2.24
CA GLU B 177 -22.95 3.21 2.17
C GLU B 177 -22.43 2.88 0.79
N GLU B 178 -23.05 1.90 0.21
CA GLU B 178 -22.57 1.31 -1.03
C GLU B 178 -22.75 2.20 -2.28
N LEU B 179 -23.86 2.93 -2.35
CA LEU B 179 -24.09 3.88 -3.45
C LEU B 179 -23.09 5.02 -3.45
N ASP B 180 -22.77 5.50 -2.27
CA ASP B 180 -21.85 6.61 -2.11
C ASP B 180 -20.50 6.22 -2.67
N SER B 181 -20.05 5.01 -2.36
CA SER B 181 -18.72 4.59 -2.80
C SER B 181 -18.74 4.28 -4.28
N LEU B 182 -19.85 3.73 -4.78
CA LEU B 182 -20.05 3.51 -6.21
C LEU B 182 -19.82 4.81 -6.96
N ILE B 183 -20.55 5.85 -6.58
CA ILE B 183 -20.48 7.12 -7.27
C ILE B 183 -19.08 7.70 -7.17
N LYS B 184 -18.47 7.65 -5.99
CA LYS B 184 -17.14 8.26 -5.79
C LYS B 184 -16.05 7.63 -6.67
N ALA B 185 -16.01 6.30 -6.74
CA ALA B 185 -15.03 5.60 -7.56
C ALA B 185 -15.23 5.94 -9.04
N THR B 186 -16.47 6.17 -9.42
CA THR B 186 -16.79 6.44 -10.82
C THR B 186 -16.35 7.84 -11.24
N ILE B 187 -16.38 8.81 -10.36
CA ILE B 187 -15.83 10.09 -10.67
C ILE B 187 -14.32 10.11 -10.83
N ALA B 188 -13.62 9.22 -10.15
CA ALA B 188 -12.21 9.03 -10.43
C ALA B 188 -11.94 8.10 -11.60
N GLY B 189 -12.07 8.62 -12.82
CA GLY B 189 -11.96 7.80 -13.99
C GLY B 189 -10.96 8.36 -14.97
N SER C 8 23.05 6.17 14.53
CA SER C 8 21.66 5.89 14.89
C SER C 8 20.66 6.10 13.75
N TYR C 9 19.91 5.06 13.40
CA TYR C 9 18.96 5.14 12.30
C TYR C 9 17.53 4.91 12.72
N SER C 10 17.34 4.70 14.03
CA SER C 10 16.01 4.47 14.59
C SER C 10 14.89 5.32 14.00
N ILE C 11 15.15 6.61 13.80
CA ILE C 11 14.10 7.50 13.34
C ILE C 11 13.68 7.17 11.88
N TYR C 12 14.65 6.77 11.07
CA TYR C 12 14.39 6.42 9.69
C TYR C 12 13.70 5.07 9.59
N VAL C 13 14.06 4.16 10.49
CA VAL C 13 13.38 2.87 10.55
C VAL C 13 11.92 3.11 10.89
N TYR C 14 11.65 4.01 11.83
CA TYR C 14 10.29 4.33 12.20
C TYR C 14 9.53 4.86 10.99
N LYS C 15 10.17 5.72 10.20
CA LYS C 15 9.51 6.29 9.03
C LYS C 15 9.07 5.20 8.05
N VAL C 16 9.99 4.28 7.73
CA VAL C 16 9.68 3.14 6.87
C VAL C 16 8.54 2.29 7.43
N LEU C 17 8.67 1.84 8.67
CA LEU C 17 7.57 1.16 9.36
C LEU C 17 6.19 1.85 9.24
N LYS C 18 6.13 3.18 9.30
CA LYS C 18 4.83 3.87 9.20
C LYS C 18 4.25 3.80 7.78
N GLN C 19 5.16 3.57 6.82
CA GLN C 19 4.78 3.37 5.44
C GLN C 19 4.17 1.98 5.17
N VAL C 20 4.73 0.94 5.77
CA VAL C 20 4.33 -0.43 5.45
C VAL C 20 3.27 -0.97 6.41
N HIS C 21 3.23 -0.41 7.63
CA HIS C 21 2.27 -0.75 8.68
C HIS C 21 1.92 0.47 9.57
N PRO C 22 1.03 1.34 9.08
CA PRO C 22 0.72 2.62 9.76
C PRO C 22 0.28 2.50 11.22
N ASP C 23 -0.51 1.49 11.61
CA ASP C 23 -1.02 1.45 12.98
C ASP C 23 -0.22 0.51 13.87
N THR C 24 0.97 0.14 13.41
CA THR C 24 1.81 -0.80 14.14
C THR C 24 3.01 -0.06 14.69
N GLY C 25 3.35 -0.32 15.96
CA GLY C 25 4.52 0.29 16.55
C GLY C 25 5.62 -0.74 16.73
N ILE C 26 6.68 -0.35 17.42
CA ILE C 26 7.82 -1.23 17.59
C ILE C 26 8.49 -1.06 18.96
N SER C 27 8.71 -2.17 19.64
CA SER C 27 9.27 -2.15 20.97
C SER C 27 10.68 -1.57 20.96
N SER C 28 11.14 -1.14 22.12
CA SER C 28 12.40 -0.43 22.22
C SER C 28 13.57 -1.36 21.91
N LYS C 29 13.47 -2.60 22.36
CA LYS C 29 14.51 -3.56 22.08
C LYS C 29 14.51 -3.95 20.59
N ALA C 30 13.34 -4.17 20.02
CA ALA C 30 13.25 -4.43 18.59
C ALA C 30 13.86 -3.32 17.74
N MET C 31 13.64 -2.07 18.13
CA MET C 31 14.21 -0.94 17.39
C MET C 31 15.73 -0.98 17.44
N GLY C 32 16.26 -1.31 18.61
CA GLY C 32 17.68 -1.47 18.83
C GLY C 32 18.25 -2.47 17.83
N ILE C 33 17.55 -3.58 17.69
CA ILE C 33 17.97 -4.63 16.77
C ILE C 33 17.96 -4.14 15.32
N MET C 34 16.90 -3.44 14.93
CA MET C 34 16.81 -2.89 13.58
C MET C 34 17.94 -1.88 13.35
N ASN C 35 18.28 -1.13 14.39
CA ASN C 35 19.36 -0.17 14.28
C ASN C 35 20.69 -0.85 13.99
N SER C 36 20.94 -1.96 14.68
CA SER C 36 22.15 -2.75 14.45
C SER C 36 22.16 -3.34 13.07
N PHE C 37 21.02 -3.88 12.66
CA PHE C 37 20.85 -4.42 11.31
C PHE C 37 21.21 -3.41 10.22
N VAL C 38 20.73 -2.19 10.33
CA VAL C 38 21.09 -1.16 9.35
C VAL C 38 22.57 -0.86 9.43
N ASN C 39 23.09 -0.64 10.63
CA ASN C 39 24.50 -0.29 10.77
C ASN C 39 25.44 -1.37 10.22
N ASP C 40 25.23 -2.61 10.64
CA ASP C 40 26.14 -3.70 10.31
C ASP C 40 26.12 -4.08 8.83
N ILE C 41 24.95 -3.97 8.20
CA ILE C 41 24.87 -4.23 6.78
C ILE C 41 25.61 -3.14 6.03
N PHE C 42 25.40 -1.91 6.49
CA PHE C 42 26.04 -0.75 5.87
C PHE C 42 27.55 -0.79 6.03
N GLU C 43 28.01 -1.14 7.24
CA GLU C 43 29.43 -1.26 7.49
C GLU C 43 30.05 -2.27 6.53
N ARG C 44 29.40 -3.44 6.36
CA ARG C 44 29.91 -4.46 5.45
C ARG C 44 29.97 -3.96 4.01
N ILE C 45 28.86 -3.39 3.54
CA ILE C 45 28.81 -2.93 2.16
C ILE C 45 29.82 -1.82 1.89
N ALA C 46 29.82 -0.82 2.77
CA ALA C 46 30.72 0.32 2.63
C ALA C 46 32.20 -0.08 2.68
N GLY C 47 32.55 -0.94 3.63
CA GLY C 47 33.92 -1.37 3.74
C GLY C 47 34.39 -2.12 2.51
N GLU C 48 33.53 -2.99 1.98
CA GLU C 48 33.91 -3.84 0.86
C GLU C 48 34.02 -3.02 -0.40
N ALA C 49 33.04 -2.14 -0.61
CA ALA C 49 33.03 -1.25 -1.77
C ALA C 49 34.27 -0.38 -1.85
N SER C 50 34.70 0.16 -0.72
CA SER C 50 35.89 1.01 -0.70
C SER C 50 37.12 0.19 -1.05
N ARG C 51 37.20 -1.03 -0.52
CA ARG C 51 38.26 -1.96 -0.86
C ARG C 51 38.28 -2.19 -2.38
N LEU C 52 37.12 -2.48 -2.97
CA LEU C 52 37.04 -2.74 -4.42
C LEU C 52 37.34 -1.50 -5.25
N ALA C 53 37.18 -0.34 -4.63
CA ALA C 53 37.34 0.91 -5.34
C ALA C 53 38.76 1.44 -5.15
N HIS C 54 39.55 0.71 -4.38
CA HIS C 54 40.89 1.16 -4.00
C HIS C 54 41.72 1.57 -5.21
N TYR C 55 41.61 0.82 -6.30
CA TYR C 55 42.43 1.06 -7.47
C TYR C 55 41.73 1.83 -8.56
N ASN C 56 40.57 2.40 -8.26
CA ASN C 56 39.97 3.34 -9.19
C ASN C 56 40.71 4.66 -9.12
N LYS C 57 40.63 5.44 -10.18
CA LYS C 57 41.13 6.81 -10.19
C LYS C 57 40.53 7.52 -8.98
N ARG C 58 41.38 8.14 -8.15
CA ARG C 58 40.96 8.77 -6.90
C ARG C 58 40.30 7.80 -5.91
N SER C 59 40.51 6.50 -6.11
CA SER C 59 39.90 5.48 -5.24
C SER C 59 38.39 5.67 -5.16
N THR C 60 37.78 6.13 -6.25
CA THR C 60 36.40 6.61 -6.17
C THR C 60 35.36 5.49 -6.04
N ILE C 61 34.48 5.62 -5.05
CA ILE C 61 33.46 4.62 -4.78
C ILE C 61 32.20 4.89 -5.60
N THR C 62 31.98 4.10 -6.63
CA THR C 62 30.79 4.28 -7.47
C THR C 62 29.74 3.21 -7.19
N SER C 63 28.60 3.30 -7.88
CA SER C 63 27.53 2.34 -7.68
C SER C 63 27.94 0.99 -8.22
N ARG C 64 28.84 1.02 -9.19
CA ARG C 64 29.47 -0.19 -9.68
C ARG C 64 30.10 -0.96 -8.54
N GLU C 65 30.83 -0.28 -7.65
CA GLU C 65 31.46 -0.98 -6.53
C GLU C 65 30.44 -1.37 -5.46
N ILE C 66 29.45 -0.51 -5.28
CA ILE C 66 28.38 -0.79 -4.32
C ILE C 66 27.63 -2.05 -4.74
N GLN C 67 27.25 -2.10 -6.01
CA GLN C 67 26.60 -3.28 -6.54
C GLN C 67 27.39 -4.55 -6.23
N THR C 68 28.68 -4.57 -6.58
CA THR C 68 29.49 -5.76 -6.36
C THR C 68 29.54 -6.12 -4.89
N ALA C 69 29.68 -5.10 -4.04
CA ALA C 69 29.74 -5.36 -2.58
C ALA C 69 28.43 -5.98 -2.08
N VAL C 70 27.31 -5.43 -2.52
CA VAL C 70 26.02 -6.00 -2.21
C VAL C 70 25.90 -7.44 -2.71
N ARG C 71 26.46 -7.73 -3.89
CA ARG C 71 26.39 -9.08 -4.42
C ARG C 71 27.24 -10.04 -3.57
N LEU C 72 28.21 -9.48 -2.85
CA LEU C 72 29.04 -10.28 -1.96
C LEU C 72 28.39 -10.53 -0.59
N LEU C 73 27.38 -9.77 -0.24
CA LEU C 73 26.71 -9.96 1.04
C LEU C 73 25.39 -10.73 0.90
N LEU C 74 24.55 -10.29 -0.03
CA LEU C 74 23.20 -10.85 -0.12
C LEU C 74 23.15 -12.09 -1.00
N PRO C 75 22.23 -13.01 -0.67
CA PRO C 75 21.90 -14.14 -1.54
C PRO C 75 21.45 -13.60 -2.89
N GLY C 76 21.80 -14.31 -3.97
CA GLY C 76 21.58 -13.87 -5.35
C GLY C 76 20.33 -13.06 -5.66
N GLU C 77 19.15 -13.65 -5.47
CA GLU C 77 17.89 -13.01 -5.88
C GLU C 77 17.51 -11.78 -5.05
N LEU C 78 17.79 -11.80 -3.76
CA LEU C 78 17.60 -10.64 -2.91
C LEU C 78 18.42 -9.47 -3.44
N ALA C 79 19.66 -9.74 -3.83
CA ALA C 79 20.57 -8.70 -4.30
C ALA C 79 20.00 -7.94 -5.50
N LYS C 80 19.47 -8.69 -6.46
CA LYS C 80 18.99 -8.07 -7.68
C LYS C 80 17.78 -7.18 -7.43
N HIS C 81 16.89 -7.62 -6.53
CA HIS C 81 15.78 -6.77 -6.14
C HIS C 81 16.26 -5.49 -5.48
N ALA C 82 17.25 -5.61 -4.62
CA ALA C 82 17.79 -4.46 -3.89
C ALA C 82 18.44 -3.46 -4.82
N VAL C 83 19.20 -3.97 -5.79
CA VAL C 83 19.91 -3.12 -6.74
C VAL C 83 18.97 -2.45 -7.72
N SER C 84 17.90 -3.15 -8.11
CA SER C 84 16.88 -2.58 -8.97
C SER C 84 16.18 -1.41 -8.30
N GLU C 85 16.03 -1.51 -6.98
CA GLU C 85 15.42 -0.41 -6.23
C GLU C 85 16.39 0.74 -6.15
N GLY C 86 17.68 0.39 -6.14
CA GLY C 86 18.71 1.42 -6.19
C GLY C 86 18.54 2.17 -7.49
N THR C 87 18.53 1.43 -8.59
CA THR C 87 18.39 2.02 -9.91
C THR C 87 17.12 2.86 -10.05
N LYS C 88 15.99 2.35 -9.56
CA LYS C 88 14.74 3.11 -9.65
C LYS C 88 14.88 4.44 -8.95
N ALA C 89 15.52 4.44 -7.78
CA ALA C 89 15.70 5.66 -7.00
C ALA C 89 16.61 6.66 -7.71
N VAL C 90 17.67 6.17 -8.34
CA VAL C 90 18.60 7.04 -9.04
C VAL C 90 17.92 7.69 -10.23
N THR C 91 17.05 6.92 -10.87
CA THR C 91 16.26 7.41 -11.98
C THR C 91 15.41 8.58 -11.52
N LYS C 92 14.67 8.39 -10.41
CA LYS C 92 13.90 9.47 -9.82
C LYS C 92 14.81 10.62 -9.46
N TYR C 93 15.93 10.30 -8.81
CA TYR C 93 16.90 11.28 -8.36
C TYR C 93 17.34 12.24 -9.47
N THR C 94 17.69 11.67 -10.62
CA THR C 94 18.19 12.48 -11.73
C THR C 94 17.09 13.21 -12.52
N SER C 95 15.84 13.11 -12.07
CA SER C 95 14.73 13.82 -12.71
C SER C 95 14.17 14.94 -11.84
N SER C 96 15.07 15.71 -11.24
CA SER C 96 14.72 16.75 -10.25
C SER C 96 14.09 16.15 -9.00
N SER C 101 16.26 18.75 -1.37
CA SER C 101 16.68 17.69 -0.45
C SER C 101 17.06 16.42 -1.21
N ARG C 102 18.25 15.90 -0.94
CA ARG C 102 18.76 14.73 -1.65
C ARG C 102 17.79 13.53 -1.60
N SER C 103 17.23 13.28 -0.43
CA SER C 103 16.37 12.12 -0.16
C SER C 103 15.01 12.16 -0.84
N GLN C 104 14.27 13.25 -0.63
CA GLN C 104 12.92 13.36 -1.16
C GLN C 104 12.99 13.35 -2.67
N ARG C 105 14.07 13.91 -3.20
CA ARG C 105 14.36 13.90 -4.63
C ARG C 105 14.37 12.44 -5.15
N ALA C 106 14.95 11.52 -4.37
CA ALA C 106 15.04 10.13 -4.78
C ALA C 106 13.86 9.28 -4.33
N GLY C 107 12.91 9.90 -3.63
CA GLY C 107 11.73 9.20 -3.10
C GLY C 107 11.99 8.33 -1.88
N LEU C 108 13.04 8.65 -1.12
CA LEU C 108 13.48 7.77 -0.03
C LEU C 108 13.25 8.34 1.38
N GLN C 109 13.07 7.45 2.35
CA GLN C 109 12.99 7.81 3.77
C GLN C 109 14.37 7.83 4.42
N PHE C 110 15.32 7.11 3.83
CA PHE C 110 16.66 6.99 4.39
C PHE C 110 17.54 8.20 4.05
N PRO C 111 18.39 8.62 4.98
CA PRO C 111 19.11 9.89 4.86
C PRO C 111 20.30 9.85 3.90
N VAL C 112 20.10 10.38 2.70
CA VAL C 112 21.11 10.29 1.66
C VAL C 112 22.38 11.05 2.00
N GLY C 113 22.23 12.21 2.64
CA GLY C 113 23.36 13.03 3.04
C GLY C 113 24.28 12.32 4.01
N ARG C 114 23.71 11.81 5.10
CA ARG C 114 24.51 11.10 6.09
C ARG C 114 25.25 9.90 5.49
N ILE C 115 24.53 9.17 4.63
CA ILE C 115 25.08 7.98 4.00
C ILE C 115 26.22 8.39 3.09
N HIS C 116 26.08 9.52 2.40
CA HIS C 116 27.17 10.03 1.59
C HIS C 116 28.41 10.37 2.42
N ARG C 117 28.20 10.99 3.58
CA ARG C 117 29.29 11.34 4.48
C ARG C 117 30.00 10.09 4.95
N HIS C 118 29.24 9.09 5.41
CA HIS C 118 29.88 7.88 5.91
C HIS C 118 30.65 7.11 4.82
N LEU C 119 30.14 7.13 3.60
CA LEU C 119 30.90 6.56 2.51
C LEU C 119 32.21 7.32 2.35
N LYS C 120 32.12 8.66 2.44
CA LYS C 120 33.29 9.52 2.28
C LYS C 120 34.42 9.15 3.22
N SER C 121 34.08 8.89 4.49
CA SER C 121 35.07 8.53 5.50
C SER C 121 35.69 7.15 5.29
N ARG C 122 35.11 6.31 4.46
CA ARG C 122 35.67 5.03 4.14
C ARG C 122 36.81 5.16 3.16
N THR C 123 36.85 6.30 2.52
CA THR C 123 37.77 6.56 1.47
C THR C 123 38.95 7.33 2.06
N THR C 124 40.06 7.47 1.35
CA THR C 124 41.14 8.28 1.86
C THR C 124 40.52 9.65 1.81
N SER C 125 41.26 10.71 2.09
CA SER C 125 40.64 12.01 2.29
C SER C 125 40.60 12.73 0.99
N HIS C 126 40.85 11.98 -0.04
CA HIS C 126 41.12 12.52 -1.32
C HIS C 126 40.43 11.66 -2.34
N GLY C 127 39.91 10.54 -1.87
CA GLY C 127 39.06 9.66 -2.63
C GLY C 127 37.78 10.40 -2.89
N ARG C 128 36.87 9.83 -3.61
CA ARG C 128 35.68 10.55 -3.84
C ARG C 128 34.57 9.63 -3.66
N VAL C 129 33.40 10.19 -3.48
CA VAL C 129 32.24 9.33 -3.47
C VAL C 129 31.31 9.71 -4.62
N GLY C 130 31.08 8.76 -5.51
CA GLY C 130 30.25 8.96 -6.69
C GLY C 130 28.93 9.66 -6.43
N ALA C 131 28.48 10.40 -7.43
CA ALA C 131 27.24 11.16 -7.37
C ALA C 131 26.08 10.29 -6.89
N THR C 132 25.87 9.19 -7.61
CA THR C 132 24.74 8.31 -7.35
C THR C 132 24.99 7.22 -6.30
N ALA C 133 26.23 7.12 -5.80
CA ALA C 133 26.54 6.05 -4.84
C ALA C 133 25.68 6.05 -3.57
N ALA C 134 25.41 7.22 -3.01
CA ALA C 134 24.68 7.29 -1.74
C ALA C 134 23.19 6.99 -1.94
N VAL C 135 22.67 7.39 -3.10
CA VAL C 135 21.28 7.09 -3.44
C VAL C 135 21.10 5.57 -3.57
N TYR C 136 21.94 4.93 -4.39
CA TYR C 136 21.94 3.48 -4.48
C TYR C 136 21.96 2.86 -3.10
N SER C 137 22.94 3.27 -2.30
CA SER C 137 23.09 2.75 -0.95
C SER C 137 21.85 3.00 -0.07
N ALA C 138 21.31 4.22 -0.10
CA ALA C 138 20.18 4.52 0.78
C ALA C 138 18.99 3.69 0.37
N ALA C 139 18.79 3.55 -0.94
CA ALA C 139 17.67 2.77 -1.46
C ALA C 139 17.78 1.28 -1.08
N ILE C 140 18.99 0.75 -1.16
CA ILE C 140 19.26 -0.64 -0.78
C ILE C 140 19.00 -0.89 0.70
N LEU C 141 19.62 -0.07 1.56
CA LEU C 141 19.30 -0.09 2.99
C LEU C 141 17.80 0.11 3.26
N GLU C 142 17.16 1.02 2.55
CA GLU C 142 15.72 1.23 2.75
C GLU C 142 14.90 0.00 2.37
N TYR C 143 15.29 -0.65 1.27
CA TYR C 143 14.59 -1.85 0.80
C TYR C 143 14.64 -3.01 1.80
N LEU C 144 15.83 -3.31 2.33
CA LEU C 144 15.97 -4.40 3.30
C LEU C 144 15.21 -4.16 4.61
N THR C 145 15.23 -2.91 5.06
CA THR C 145 14.47 -2.50 6.25
C THR C 145 12.98 -2.69 6.03
N ALA C 146 12.48 -2.22 4.90
CA ALA C 146 11.06 -2.34 4.58
C ALA C 146 10.63 -3.80 4.58
N GLU C 147 11.42 -4.64 3.93
CA GLU C 147 11.13 -6.06 3.85
C GLU C 147 11.05 -6.77 5.22
N VAL C 148 12.02 -6.50 6.10
CA VAL C 148 11.96 -7.08 7.44
C VAL C 148 10.72 -6.59 8.19
N LEU C 149 10.50 -5.28 8.15
CA LEU C 149 9.39 -4.67 8.86
C LEU C 149 8.05 -5.16 8.30
N GLU C 150 7.98 -5.35 6.99
CA GLU C 150 6.73 -5.83 6.39
C GLU C 150 6.35 -7.17 7.01
N LEU C 151 7.29 -8.10 7.00
CA LEU C 151 7.08 -9.45 7.53
C LEU C 151 6.90 -9.51 9.05
N ALA C 152 7.76 -8.81 9.78
CA ALA C 152 7.58 -8.70 11.23
C ALA C 152 6.17 -8.17 11.51
N GLY C 153 5.79 -7.11 10.81
CA GLY C 153 4.46 -6.56 10.92
C GLY C 153 3.33 -7.56 10.72
N ASN C 154 3.37 -8.33 9.62
CA ASN C 154 2.40 -9.42 9.42
C ASN C 154 2.43 -10.48 10.52
N ALA C 155 3.62 -10.75 11.06
CA ALA C 155 3.77 -11.73 12.15
C ALA C 155 3.07 -11.23 13.40
N SER C 156 3.23 -9.92 13.66
CA SER C 156 2.61 -9.24 14.79
C SER C 156 1.08 -9.24 14.73
N LYS C 157 0.53 -8.97 13.55
CA LYS C 157 -0.93 -9.02 13.36
C LYS C 157 -1.50 -10.42 13.54
N ASP C 158 -0.75 -11.45 13.14
CA ASP C 158 -1.20 -12.84 13.31
C ASP C 158 -1.31 -13.26 14.78
N LEU C 159 -0.45 -12.70 15.61
CA LEU C 159 -0.44 -13.02 17.04
C LEU C 159 -1.27 -12.03 17.87
N LYS C 160 -2.07 -11.22 17.18
CA LYS C 160 -3.04 -10.32 17.83
C LYS C 160 -2.39 -9.23 18.71
N VAL C 161 -1.36 -8.58 18.19
CA VAL C 161 -0.53 -7.65 18.97
C VAL C 161 -0.17 -6.42 18.12
N LYS C 162 0.02 -5.27 18.78
CA LYS C 162 0.13 -4.00 18.05
C LYS C 162 1.56 -3.47 17.89
N ARG C 163 2.52 -4.16 18.47
CA ARG C 163 3.92 -3.79 18.30
C ARG C 163 4.77 -4.96 17.85
N ILE C 164 5.65 -4.69 16.89
CA ILE C 164 6.72 -5.60 16.55
C ILE C 164 7.67 -5.72 17.74
N THR C 165 7.86 -6.95 18.23
CA THR C 165 8.85 -7.24 19.27
C THR C 165 10.01 -8.04 18.67
N PRO C 166 11.06 -8.32 19.46
CA PRO C 166 12.12 -9.14 18.87
C PRO C 166 11.63 -10.50 18.35
N ARG C 167 10.70 -11.14 19.04
CA ARG C 167 10.15 -12.41 18.57
C ARG C 167 9.60 -12.28 17.15
N HIS C 168 8.98 -11.15 16.84
CA HIS C 168 8.43 -10.93 15.51
C HIS C 168 9.52 -10.73 14.44
N LEU C 169 10.60 -10.04 14.82
CA LEU C 169 11.72 -9.89 13.91
C LEU C 169 12.33 -11.27 13.65
N GLN C 170 12.38 -12.09 14.70
CA GLN C 170 12.96 -13.42 14.59
C GLN C 170 12.13 -14.29 13.64
N LEU C 171 10.80 -14.13 13.65
CA LEU C 171 9.90 -14.91 12.79
C LEU C 171 10.06 -14.53 11.33
N ALA C 172 10.25 -13.24 11.09
CA ALA C 172 10.38 -12.72 9.75
C ALA C 172 11.69 -13.16 9.12
N ILE C 173 12.76 -13.15 9.92
CA ILE C 173 14.07 -13.52 9.41
C ILE C 173 14.29 -15.03 9.34
N ARG C 174 14.00 -15.76 10.41
CA ARG C 174 14.13 -17.22 10.36
C ARG C 174 13.22 -17.85 9.32
N GLY C 175 12.03 -17.30 9.15
CA GLY C 175 11.04 -17.91 8.29
C GLY C 175 11.26 -17.62 6.82
N ASP C 176 12.39 -16.98 6.52
CA ASP C 176 12.72 -16.65 5.14
C ASP C 176 14.16 -17.01 4.82
N GLU C 177 14.35 -18.01 3.95
CA GLU C 177 15.67 -18.51 3.62
C GLU C 177 16.66 -17.40 3.25
N GLU C 178 16.25 -16.43 2.46
CA GLU C 178 17.19 -15.42 2.06
C GLU C 178 17.54 -14.47 3.22
N LEU C 179 16.53 -14.11 4.00
CA LEU C 179 16.79 -13.22 5.12
C LEU C 179 17.71 -13.90 6.13
N ASP C 180 17.49 -15.18 6.37
CA ASP C 180 18.34 -15.97 7.26
C ASP C 180 19.82 -15.99 6.81
N SER C 181 20.07 -16.21 5.52
CA SER C 181 21.44 -16.18 5.02
C SER C 181 22.04 -14.78 5.15
N LEU C 182 21.19 -13.77 4.97
CA LEU C 182 21.60 -12.38 5.09
C LEU C 182 22.09 -12.12 6.51
N ILE C 183 21.29 -12.49 7.50
CA ILE C 183 21.70 -12.31 8.90
C ILE C 183 22.96 -13.12 9.26
N LYS C 184 23.01 -14.38 8.85
CA LYS C 184 24.20 -15.21 9.05
C LYS C 184 25.47 -14.62 8.41
N ALA C 185 25.37 -14.15 7.18
CA ALA C 185 26.50 -13.56 6.49
C ALA C 185 27.01 -12.27 7.16
N THR C 186 26.09 -11.51 7.74
CA THR C 186 26.43 -10.24 8.34
C THR C 186 27.12 -10.47 9.68
N ILE C 187 26.57 -11.38 10.47
CA ILE C 187 27.11 -11.66 11.79
C ILE C 187 28.47 -12.29 11.63
N ALA C 188 28.60 -13.16 10.64
CA ALA C 188 29.83 -13.91 10.44
C ALA C 188 30.99 -12.97 10.13
N GLY C 189 30.72 -11.94 9.33
CA GLY C 189 31.77 -11.01 8.93
C GLY C 189 32.26 -11.33 7.52
N SER D 8 2.50 18.48 8.78
CA SER D 8 2.67 17.25 9.55
C SER D 8 3.81 17.29 10.56
N TYR D 9 3.50 17.03 11.84
CA TYR D 9 4.52 17.05 12.88
C TYR D 9 4.70 15.71 13.56
N SER D 10 3.95 14.73 13.09
CA SER D 10 4.00 13.38 13.66
C SER D 10 5.40 12.86 13.99
N ILE D 11 6.36 13.13 13.12
CA ILE D 11 7.69 12.58 13.32
C ILE D 11 8.39 13.26 14.53
N TYR D 12 8.11 14.55 14.71
CA TYR D 12 8.70 15.28 15.81
C TYR D 12 8.02 14.93 17.14
N VAL D 13 6.72 14.65 17.07
CA VAL D 13 6.00 14.18 18.26
C VAL D 13 6.62 12.86 18.70
N TYR D 14 6.91 11.98 17.74
CA TYR D 14 7.50 10.70 18.05
C TYR D 14 8.85 10.88 18.73
N LYS D 15 9.65 11.84 18.26
CA LYS D 15 10.96 12.07 18.84
C LYS D 15 10.83 12.47 20.32
N VAL D 16 9.95 13.42 20.62
CA VAL D 16 9.67 13.84 22.00
C VAL D 16 9.21 12.68 22.86
N LEU D 17 8.18 11.98 22.41
CA LEU D 17 7.74 10.75 23.07
C LEU D 17 8.87 9.76 23.42
N LYS D 18 9.86 9.60 22.54
CA LYS D 18 10.96 8.64 22.83
C LYS D 18 11.89 9.18 23.92
N GLN D 19 11.87 10.49 24.10
CA GLN D 19 12.60 11.14 25.16
C GLN D 19 11.96 10.95 26.54
N VAL D 20 10.64 11.04 26.62
CA VAL D 20 9.95 11.03 27.91
C VAL D 20 9.47 9.63 28.32
N HIS D 21 9.28 8.77 27.31
CA HIS D 21 8.84 7.38 27.49
C HIS D 21 9.42 6.45 26.41
N PRO D 22 10.69 6.04 26.56
CA PRO D 22 11.40 5.28 25.52
C PRO D 22 10.72 3.98 25.07
N ASP D 23 10.09 3.21 25.95
CA ASP D 23 9.53 1.92 25.53
C ASP D 23 8.03 2.00 25.23
N THR D 24 7.52 3.22 25.11
CA THR D 24 6.10 3.43 24.90
C THR D 24 5.86 3.89 23.48
N GLY D 25 4.85 3.32 22.82
CA GLY D 25 4.50 3.73 21.48
C GLY D 25 3.19 4.50 21.47
N ILE D 26 2.70 4.81 20.27
CA ILE D 26 1.51 5.60 20.16
C ILE D 26 0.63 5.19 18.97
N SER D 27 -0.65 4.98 19.24
CA SER D 27 -1.56 4.51 18.21
C SER D 27 -1.69 5.55 17.12
N SER D 28 -2.17 5.10 15.97
CA SER D 28 -2.20 5.93 14.78
C SER D 28 -3.22 7.07 14.94
N LYS D 29 -4.33 6.77 15.61
CA LYS D 29 -5.33 7.78 15.85
C LYS D 29 -4.82 8.80 16.88
N ALA D 30 -4.19 8.33 17.94
CA ALA D 30 -3.60 9.23 18.94
C ALA D 30 -2.59 10.19 18.33
N MET D 31 -1.76 9.69 17.42
CA MET D 31 -0.76 10.53 16.75
C MET D 31 -1.44 11.62 15.92
N GLY D 32 -2.51 11.22 15.23
CA GLY D 32 -3.34 12.15 14.47
C GLY D 32 -3.78 13.30 15.36
N ILE D 33 -4.24 12.95 16.55
CA ILE D 33 -4.71 13.94 17.50
C ILE D 33 -3.59 14.88 17.95
N MET D 34 -2.42 14.30 18.25
CA MET D 34 -1.29 15.11 18.66
C MET D 34 -0.85 16.03 17.52
N ASN D 35 -0.99 15.55 16.30
CA ASN D 35 -0.66 16.36 15.13
C ASN D 35 -1.57 17.58 15.04
N SER D 36 -2.86 17.38 15.28
CA SER D 36 -3.80 18.47 15.27
C SER D 36 -3.52 19.45 16.39
N PHE D 37 -3.24 18.92 17.57
CA PHE D 37 -2.86 19.72 18.74
C PHE D 37 -1.66 20.64 18.47
N VAL D 38 -0.61 20.13 17.85
CA VAL D 38 0.51 20.99 17.51
C VAL D 38 0.09 22.02 16.49
N ASN D 39 -0.57 21.60 15.41
CA ASN D 39 -0.99 22.54 14.37
C ASN D 39 -1.90 23.66 14.86
N ASP D 40 -2.97 23.29 15.57
CA ASP D 40 -3.98 24.25 16.00
C ASP D 40 -3.45 25.25 17.03
N ILE D 41 -2.56 24.79 17.90
CA ILE D 41 -1.97 25.70 18.89
C ILE D 41 -1.07 26.67 18.17
N PHE D 42 -0.31 26.13 17.21
CA PHE D 42 0.63 26.94 16.44
C PHE D 42 -0.09 27.97 15.58
N GLU D 43 -1.16 27.56 14.96
CA GLU D 43 -1.97 28.41 14.15
C GLU D 43 -2.51 29.56 14.94
N ARG D 44 -2.99 29.31 16.15
CA ARG D 44 -3.47 30.35 17.06
C ARG D 44 -2.36 31.31 17.47
N ILE D 45 -1.25 30.77 17.94
CA ILE D 45 -0.17 31.61 18.41
C ILE D 45 0.37 32.48 17.26
N ALA D 46 0.66 31.84 16.13
CA ALA D 46 1.24 32.53 14.99
C ALA D 46 0.33 33.63 14.44
N GLY D 47 -0.96 33.30 14.29
CA GLY D 47 -1.91 34.27 13.79
C GLY D 47 -2.02 35.49 14.69
N GLU D 48 -2.03 35.26 16.00
CA GLU D 48 -2.23 36.33 16.98
C GLU D 48 -1.01 37.21 17.05
N ALA D 49 0.17 36.57 17.08
CA ALA D 49 1.45 37.29 17.11
C ALA D 49 1.64 38.21 15.93
N SER D 50 1.26 37.74 14.72
CA SER D 50 1.41 38.56 13.52
C SER D 50 0.47 39.76 13.60
N ARG D 51 -0.73 39.53 14.10
CA ARG D 51 -1.68 40.61 14.35
C ARG D 51 -1.06 41.64 15.32
N LEU D 52 -0.50 41.18 16.44
CA LEU D 52 0.10 42.09 17.41
C LEU D 52 1.34 42.79 16.88
N ALA D 53 1.93 42.21 15.84
CA ALA D 53 3.18 42.72 15.30
C ALA D 53 2.91 43.63 14.11
N HIS D 54 1.63 43.75 13.76
CA HIS D 54 1.23 44.47 12.56
C HIS D 54 1.83 45.88 12.49
N TYR D 55 1.88 46.55 13.64
CA TYR D 55 2.34 47.93 13.67
C TYR D 55 3.78 48.08 14.10
N ASN D 56 4.54 47.01 14.13
CA ASN D 56 5.97 47.13 14.28
C ASN D 56 6.56 47.49 12.95
N LYS D 57 7.76 48.00 12.98
CA LYS D 57 8.56 48.23 11.82
C LYS D 57 8.70 46.93 11.08
N ARG D 58 8.42 46.96 9.80
CA ARG D 58 8.48 45.79 8.97
C ARG D 58 7.52 44.74 9.42
N SER D 59 6.74 45.10 10.43
CA SER D 59 5.69 44.23 10.86
C SER D 59 6.29 43.07 11.51
N THR D 60 7.43 43.27 12.14
CA THR D 60 8.29 42.16 12.58
C THR D 60 7.71 41.36 13.73
N ILE D 61 7.67 40.04 13.56
CA ILE D 61 7.19 39.16 14.61
C ILE D 61 8.34 38.76 15.51
N THR D 62 8.41 39.37 16.68
CA THR D 62 9.48 39.02 17.63
C THR D 62 8.97 38.15 18.76
N SER D 63 9.87 37.74 19.65
CA SER D 63 9.48 36.88 20.75
C SER D 63 8.60 37.64 21.73
N ARG D 64 8.78 38.97 21.76
CA ARG D 64 7.88 39.85 22.47
C ARG D 64 6.43 39.56 22.07
N GLU D 65 6.16 39.48 20.77
CA GLU D 65 4.80 39.26 20.31
C GLU D 65 4.37 37.82 20.51
N ILE D 66 5.32 36.90 20.37
CA ILE D 66 5.03 35.49 20.59
C ILE D 66 4.63 35.29 22.04
N GLN D 67 5.42 35.85 22.94
CA GLN D 67 5.10 35.81 24.35
C GLN D 67 3.67 36.24 24.62
N THR D 68 3.28 37.45 24.19
CA THR D 68 1.95 37.87 24.58
C THR D 68 0.86 37.06 23.90
N ALA D 69 1.13 36.57 22.69
CA ALA D 69 0.17 35.66 22.03
C ALA D 69 -0.04 34.37 22.85
N VAL D 70 1.06 33.78 23.32
CA VAL D 70 0.99 32.66 24.22
C VAL D 70 0.24 33.00 25.52
N ARG D 71 0.42 34.22 26.04
CA ARG D 71 -0.28 34.58 27.26
C ARG D 71 -1.79 34.68 27.01
N LEU D 72 -2.16 34.92 25.74
CA LEU D 72 -3.56 35.00 25.35
C LEU D 72 -4.21 33.63 25.12
N LEU D 73 -3.40 32.58 24.96
CA LEU D 73 -3.96 31.24 24.75
C LEU D 73 -3.91 30.40 26.03
N LEU D 74 -2.74 30.34 26.66
CA LEU D 74 -2.56 29.44 27.80
C LEU D 74 -3.00 30.07 29.11
N PRO D 75 -3.50 29.24 30.03
CA PRO D 75 -3.74 29.65 31.42
C PRO D 75 -2.46 30.18 32.03
N GLY D 76 -2.56 31.21 32.89
CA GLY D 76 -1.43 31.91 33.48
C GLY D 76 -0.15 31.14 33.76
N GLU D 77 -0.20 30.17 34.67
CA GLU D 77 1.02 29.47 35.10
C GLU D 77 1.64 28.55 34.03
N LEU D 78 0.81 27.89 33.22
CA LEU D 78 1.32 27.11 32.11
C LEU D 78 2.17 28.00 31.19
N ALA D 79 1.68 29.21 30.95
CA ALA D 79 2.34 30.15 30.03
C ALA D 79 3.75 30.47 30.44
N LYS D 80 3.92 30.78 31.72
CA LYS D 80 5.23 31.20 32.19
C LYS D 80 6.24 30.06 32.12
N HIS D 81 5.79 28.83 32.35
CA HIS D 81 6.67 27.68 32.21
C HIS D 81 7.09 27.51 30.75
N ALA D 82 6.12 27.66 29.86
CA ALA D 82 6.39 27.53 28.42
C ALA D 82 7.37 28.58 27.93
N VAL D 83 7.17 29.82 28.37
CA VAL D 83 8.00 30.93 27.94
C VAL D 83 9.42 30.81 28.50
N SER D 84 9.54 30.34 29.72
CA SER D 84 10.85 30.09 30.34
C SER D 84 11.62 29.02 29.59
N GLU D 85 10.91 28.03 29.03
CA GLU D 85 11.57 27.01 28.23
C GLU D 85 11.98 27.62 26.91
N GLY D 86 11.21 28.60 26.48
CA GLY D 86 11.57 29.36 25.29
C GLY D 86 12.88 30.03 25.54
N THR D 87 12.95 30.79 26.62
CA THR D 87 14.15 31.53 26.98
C THR D 87 15.37 30.63 27.15
N LYS D 88 15.22 29.49 27.85
CA LYS D 88 16.34 28.59 28.04
C LYS D 88 16.88 28.14 26.69
N ALA D 89 15.99 27.85 25.75
CA ALA D 89 16.40 27.38 24.42
C ALA D 89 17.16 28.46 23.66
N VAL D 90 16.70 29.69 23.78
CA VAL D 90 17.33 30.81 23.09
C VAL D 90 18.73 31.05 23.66
N THR D 91 18.85 30.89 24.96
CA THR D 91 20.12 31.01 25.64
C THR D 91 21.09 29.98 25.06
N LYS D 92 20.67 28.72 25.02
CA LYS D 92 21.45 27.66 24.38
C LYS D 92 21.75 28.03 22.93
N TYR D 93 20.72 28.47 22.22
CA TYR D 93 20.84 28.84 20.81
C TYR D 93 21.96 29.85 20.56
N THR D 94 21.97 30.94 21.31
CA THR D 94 22.95 31.99 21.12
C THR D 94 24.38 31.63 21.59
N SER D 95 24.54 30.49 22.28
CA SER D 95 25.87 29.96 22.61
C SER D 95 26.12 28.76 21.73
N SER D 96 27.23 28.06 21.96
CA SER D 96 27.72 26.98 21.08
C SER D 96 28.45 27.49 19.83
N SER D 101 22.95 23.28 12.39
CA SER D 101 21.51 23.03 12.43
C SER D 101 20.83 23.86 13.51
N ARG D 102 19.82 24.63 13.12
CA ARG D 102 19.15 25.55 14.05
C ARG D 102 18.60 24.85 15.31
N SER D 103 17.98 23.69 15.12
CA SER D 103 17.33 22.93 16.18
C SER D 103 18.29 22.35 17.23
N GLN D 104 19.28 21.58 16.78
CA GLN D 104 20.21 20.95 17.72
C GLN D 104 20.96 22.02 18.48
N ARG D 105 21.22 23.13 17.80
CA ARG D 105 21.83 24.32 18.40
C ARG D 105 21.03 24.75 19.65
N ALA D 106 19.71 24.74 19.56
CA ALA D 106 18.86 25.16 20.67
C ALA D 106 18.45 23.99 21.59
N GLY D 107 18.94 22.79 21.29
CA GLY D 107 18.63 21.61 22.08
C GLY D 107 17.21 21.07 21.89
N LEU D 108 16.61 21.33 20.74
CA LEU D 108 15.20 20.99 20.52
C LEU D 108 14.98 19.85 19.52
N GLN D 109 13.87 19.12 19.69
CA GLN D 109 13.43 18.10 18.74
C GLN D 109 12.53 18.70 17.66
N PHE D 110 11.92 19.85 17.94
CA PHE D 110 10.98 20.46 17.01
C PHE D 110 11.71 21.27 15.93
N PRO D 111 11.19 21.26 14.70
CA PRO D 111 11.92 21.78 13.54
C PRO D 111 11.90 23.31 13.46
N VAL D 112 13.01 23.92 13.85
CA VAL D 112 13.07 25.37 13.94
C VAL D 112 12.94 26.04 12.58
N GLY D 113 13.54 25.43 11.56
CA GLY D 113 13.48 25.95 10.21
C GLY D 113 12.06 26.05 9.68
N ARG D 114 11.33 24.93 9.68
CA ARG D 114 9.97 24.93 9.20
C ARG D 114 9.06 25.92 9.95
N ILE D 115 9.27 26.00 11.26
CA ILE D 115 8.50 26.89 12.11
C ILE D 115 8.82 28.33 11.73
N HIS D 116 10.08 28.61 11.43
CA HIS D 116 10.45 29.94 10.95
C HIS D 116 9.77 30.29 9.63
N ARG D 117 9.70 29.32 8.73
CA ARG D 117 9.04 29.51 7.44
C ARG D 117 7.56 29.80 7.63
N HIS D 118 6.89 29.01 8.47
CA HIS D 118 5.46 29.22 8.69
C HIS D 118 5.15 30.58 9.33
N LEU D 119 6.03 31.05 10.21
CA LEU D 119 5.85 32.37 10.77
C LEU D 119 5.97 33.40 9.66
N LYS D 120 6.94 33.19 8.77
CA LYS D 120 7.21 34.09 7.65
C LYS D 120 5.97 34.32 6.81
N SER D 121 5.24 33.24 6.52
CA SER D 121 4.02 33.31 5.73
C SER D 121 2.85 34.03 6.42
N ARG D 122 2.86 34.10 7.74
CA ARG D 122 1.87 34.82 8.50
C ARG D 122 2.07 36.31 8.29
N THR D 123 3.25 36.70 7.89
CA THR D 123 3.59 38.07 7.75
C THR D 123 3.39 38.53 6.29
N THR D 124 3.41 39.83 6.02
CA THR D 124 3.30 40.25 4.64
C THR D 124 4.68 39.93 4.13
N SER D 125 4.94 40.03 2.84
CA SER D 125 6.07 39.36 2.22
C SER D 125 7.30 40.17 2.38
N HIS D 126 7.17 41.13 3.27
CA HIS D 126 8.15 42.15 3.42
C HIS D 126 8.32 42.34 4.89
N GLY D 127 7.43 41.68 5.61
CA GLY D 127 7.57 41.51 7.05
C GLY D 127 8.72 40.58 7.39
N ARG D 128 9.34 40.82 8.54
CA ARG D 128 10.45 40.00 8.97
C ARG D 128 9.98 39.04 10.07
N VAL D 129 10.74 37.96 10.26
CA VAL D 129 10.56 37.14 11.45
C VAL D 129 11.83 37.19 12.28
N GLY D 130 11.71 37.72 13.50
CA GLY D 130 12.82 37.87 14.43
C GLY D 130 13.73 36.66 14.52
N ALA D 131 15.00 36.94 14.80
CA ALA D 131 16.04 35.91 14.90
C ALA D 131 15.59 34.78 15.81
N THR D 132 15.24 35.14 17.04
CA THR D 132 14.90 34.18 18.09
C THR D 132 13.43 33.75 18.11
N ALA D 133 12.58 34.36 17.29
CA ALA D 133 11.16 34.04 17.32
C ALA D 133 10.82 32.56 17.09
N ALA D 134 11.50 31.91 16.15
CA ALA D 134 11.20 30.52 15.82
C ALA D 134 11.70 29.56 16.92
N VAL D 135 12.80 29.92 17.56
CA VAL D 135 13.31 29.11 18.66
C VAL D 135 12.33 29.15 19.83
N TYR D 136 11.94 30.35 20.24
CA TYR D 136 10.91 30.50 21.26
C TYR D 136 9.70 29.64 20.93
N SER D 137 9.18 29.82 19.72
CA SER D 137 8.03 29.06 19.26
C SER D 137 8.27 27.55 19.29
N ALA D 138 9.42 27.09 18.82
CA ALA D 138 9.66 25.66 18.76
C ALA D 138 9.74 25.10 20.17
N ALA D 139 10.40 25.83 21.05
CA ALA D 139 10.54 25.38 22.43
C ALA D 139 9.19 25.30 23.16
N ILE D 140 8.33 26.29 22.91
CA ILE D 140 7.00 26.31 23.49
C ILE D 140 6.13 25.15 23.00
N LEU D 141 6.02 24.99 21.68
CA LEU D 141 5.38 23.80 21.10
C LEU D 141 5.99 22.50 21.61
N GLU D 142 7.32 22.45 21.73
CA GLU D 142 7.95 21.23 22.24
C GLU D 142 7.57 20.95 23.68
N TYR D 143 7.49 22.00 24.48
CA TYR D 143 7.13 21.87 25.89
C TYR D 143 5.70 21.32 26.09
N LEU D 144 4.72 21.88 25.41
CA LEU D 144 3.35 21.41 25.55
C LEU D 144 3.15 19.96 25.10
N THR D 145 3.83 19.58 24.01
CA THR D 145 3.84 18.21 23.52
C THR D 145 4.42 17.26 24.54
N ALA D 146 5.57 17.62 25.10
CA ALA D 146 6.23 16.77 26.10
C ALA D 146 5.32 16.54 27.29
N GLU D 147 4.71 17.62 27.77
CA GLU D 147 3.83 17.54 28.92
C GLU D 147 2.61 16.62 28.72
N VAL D 148 1.94 16.72 27.57
CA VAL D 148 0.84 15.84 27.26
C VAL D 148 1.29 14.38 27.16
N LEU D 149 2.39 14.16 26.44
CA LEU D 149 2.90 12.80 26.25
C LEU D 149 3.39 12.22 27.58
N GLU D 150 3.96 13.05 28.43
CA GLU D 150 4.42 12.56 29.73
C GLU D 150 3.27 11.95 30.51
N LEU D 151 2.19 12.71 30.65
CA LEU D 151 1.00 12.27 31.38
C LEU D 151 0.22 11.14 30.69
N ALA D 152 0.01 11.26 29.38
CA ALA D 152 -0.59 10.16 28.61
C ALA D 152 0.21 8.89 28.84
N GLY D 153 1.53 9.00 28.70
CA GLY D 153 2.42 7.88 29.00
C GLY D 153 2.25 7.27 30.39
N ASN D 154 2.21 8.09 31.43
CA ASN D 154 1.92 7.55 32.77
C ASN D 154 0.55 6.91 32.90
N ALA D 155 -0.44 7.43 32.16
CA ALA D 155 -1.80 6.88 32.19
C ALA D 155 -1.80 5.49 31.56
N SER D 156 -1.07 5.37 30.47
CA SER D 156 -0.89 4.13 29.72
C SER D 156 -0.23 3.03 30.55
N LYS D 157 0.83 3.37 31.28
CA LYS D 157 1.49 2.42 32.16
C LYS D 157 0.57 1.97 33.30
N ASP D 158 -0.27 2.86 33.81
CA ASP D 158 -1.19 2.52 34.90
C ASP D 158 -2.23 1.48 34.49
N LEU D 159 -2.62 1.51 33.22
CA LEU D 159 -3.62 0.59 32.69
C LEU D 159 -2.99 -0.66 32.05
N LYS D 160 -1.68 -0.85 32.30
CA LYS D 160 -0.97 -2.05 31.86
C LYS D 160 -0.91 -2.23 30.33
N VAL D 161 -0.59 -1.15 29.62
CA VAL D 161 -0.61 -1.13 28.15
C VAL D 161 0.61 -0.38 27.60
N LYS D 162 1.07 -0.76 26.41
CA LYS D 162 2.35 -0.28 25.92
C LYS D 162 2.26 0.87 24.91
N ARG D 163 1.05 1.28 24.59
CA ARG D 163 0.89 2.38 23.67
C ARG D 163 -0.14 3.40 24.13
N ILE D 164 0.17 4.68 23.93
CA ILE D 164 -0.76 5.76 24.20
C ILE D 164 -1.86 5.69 23.17
N THR D 165 -3.10 5.60 23.63
CA THR D 165 -4.28 5.66 22.76
C THR D 165 -5.04 6.96 23.01
N PRO D 166 -6.07 7.26 22.20
CA PRO D 166 -6.81 8.51 22.49
C PRO D 166 -7.35 8.56 23.92
N ARG D 167 -7.82 7.44 24.46
CA ARG D 167 -8.29 7.42 25.85
C ARG D 167 -7.22 7.95 26.81
N HIS D 168 -5.96 7.60 26.55
CA HIS D 168 -4.87 8.07 27.41
C HIS D 168 -4.62 9.57 27.25
N LEU D 169 -4.74 10.07 26.02
CA LEU D 169 -4.58 11.50 25.81
C LEU D 169 -5.72 12.21 26.53
N GLN D 170 -6.88 11.61 26.51
CA GLN D 170 -8.04 12.20 27.15
C GLN D 170 -7.86 12.27 28.66
N LEU D 171 -7.24 11.25 29.27
CA LEU D 171 -6.99 11.23 30.72
C LEU D 171 -6.00 12.30 31.13
N ALA D 172 -5.01 12.53 30.29
CA ALA D 172 -3.97 13.48 30.59
C ALA D 172 -4.49 14.91 30.53
N ILE D 173 -5.30 15.20 29.55
CA ILE D 173 -5.82 16.55 29.38
C ILE D 173 -7.01 16.83 30.31
N ARG D 174 -8.00 15.94 30.31
CA ARG D 174 -9.15 16.09 31.18
C ARG D 174 -8.74 16.17 32.65
N GLY D 175 -7.74 15.39 33.04
CA GLY D 175 -7.37 15.29 34.44
C GLY D 175 -6.44 16.39 34.91
N ASP D 176 -6.22 17.38 34.06
CA ASP D 176 -5.38 18.52 34.42
C ASP D 176 -6.06 19.84 34.10
N GLU D 177 -6.36 20.64 35.12
CA GLU D 177 -7.14 21.86 34.92
C GLU D 177 -6.53 22.78 33.84
N GLU D 178 -5.22 22.95 33.83
CA GLU D 178 -4.65 23.85 32.87
C GLU D 178 -4.71 23.26 31.45
N LEU D 179 -4.44 21.97 31.33
CA LEU D 179 -4.49 21.36 30.02
C LEU D 179 -5.89 21.41 29.44
N ASP D 180 -6.90 21.19 30.29
CA ASP D 180 -8.31 21.28 29.87
C ASP D 180 -8.67 22.69 29.36
N SER D 181 -8.25 23.74 30.06
CA SER D 181 -8.52 25.10 29.58
C SER D 181 -7.80 25.35 28.27
N LEU D 182 -6.60 24.79 28.15
CA LEU D 182 -5.81 24.90 26.93
C LEU D 182 -6.56 24.30 25.77
N ILE D 183 -7.04 23.07 25.91
CA ILE D 183 -7.80 22.44 24.81
C ILE D 183 -9.11 23.19 24.48
N LYS D 184 -9.87 23.57 25.50
CA LYS D 184 -11.08 24.38 25.31
C LYS D 184 -10.82 25.71 24.60
N ALA D 185 -9.76 26.43 25.00
CA ALA D 185 -9.42 27.70 24.37
C ALA D 185 -9.01 27.56 22.90
N THR D 186 -8.39 26.43 22.56
CA THR D 186 -7.90 26.20 21.22
C THR D 186 -9.06 25.85 20.31
N ILE D 187 -9.93 24.97 20.80
CA ILE D 187 -11.05 24.51 20.00
C ILE D 187 -11.99 25.67 19.78
N ALA D 188 -12.17 26.47 20.82
CA ALA D 188 -13.13 27.56 20.76
C ALA D 188 -12.73 28.58 19.70
N GLY D 189 -11.43 28.83 19.57
CA GLY D 189 -10.95 29.80 18.60
C GLY D 189 -10.68 31.16 19.24
N GLU E 34 -10.57 16.53 7.62
CA GLU E 34 -11.25 15.27 7.90
C GLU E 34 -10.34 14.32 8.70
N GLU E 35 -9.14 14.81 9.02
CA GLU E 35 -8.21 14.09 9.87
C GLU E 35 -8.67 14.19 11.32
N VAL E 36 -8.38 13.17 12.15
CA VAL E 36 -8.77 13.23 13.56
C VAL E 36 -8.21 14.49 14.19
N GLY E 37 -9.10 15.32 14.71
CA GLY E 37 -8.70 16.59 15.29
C GLY E 37 -8.78 16.58 16.80
N LEU E 38 -8.57 17.75 17.39
CA LEU E 38 -8.66 17.93 18.84
C LEU E 38 -10.04 17.57 19.34
N SER E 39 -11.04 17.76 18.47
CA SER E 39 -12.45 17.53 18.82
C SER E 39 -12.66 16.15 19.44
N TYR E 40 -11.84 15.19 19.02
CA TYR E 40 -12.00 13.82 19.49
C TYR E 40 -11.79 13.72 21.00
N LEU E 41 -10.96 14.60 21.53
CA LEU E 41 -10.70 14.62 22.96
C LEU E 41 -11.92 15.07 23.73
N MET E 42 -12.96 15.43 23.00
CA MET E 42 -14.12 16.06 23.55
C MET E 42 -15.33 15.19 23.57
N LYS E 43 -15.11 13.92 23.32
CA LYS E 43 -16.10 12.89 23.15
C LYS E 43 -16.34 12.28 24.47
N GLU E 44 -17.55 11.89 24.78
CA GLU E 44 -17.74 11.19 26.03
C GLU E 44 -16.61 10.22 26.24
N GLU F 34 27.58 -2.58 23.37
CA GLU F 34 26.72 -3.15 24.42
C GLU F 34 25.24 -2.95 24.12
N GLU F 35 24.94 -2.32 22.98
CA GLU F 35 23.55 -2.16 22.52
C GLU F 35 23.07 -3.48 21.93
N VAL F 36 21.77 -3.75 22.03
CA VAL F 36 21.23 -5.00 21.49
C VAL F 36 21.54 -5.08 20.02
N GLY F 37 22.29 -6.11 19.63
CA GLY F 37 22.75 -6.27 18.27
C GLY F 37 21.96 -7.35 17.55
N LEU F 38 22.42 -7.67 16.34
CA LEU F 38 21.81 -8.72 15.51
C LEU F 38 21.85 -10.06 16.21
N SER F 39 22.86 -10.21 17.09
CA SER F 39 23.11 -11.46 17.80
C SER F 39 21.84 -11.96 18.49
N TYR F 40 21.01 -11.01 18.91
CA TYR F 40 19.80 -11.33 19.66
C TYR F 40 18.85 -12.18 18.82
N LEU F 41 18.89 -11.97 17.51
CA LEU F 41 18.04 -12.72 16.60
C LEU F 41 18.45 -14.17 16.56
N MET F 42 19.54 -14.50 17.23
CA MET F 42 20.17 -15.80 17.17
C MET F 42 20.00 -16.65 18.39
N LYS F 43 19.08 -16.25 19.26
CA LYS F 43 18.68 -16.86 20.50
C LYS F 43 17.61 -17.89 20.25
N GLU F 44 17.01 -18.46 21.29
CA GLU F 44 16.02 -19.53 21.15
C GLU F 44 14.61 -19.03 21.51
#